data_8K9V
#
_entry.id   8K9V
#
_cell.length_a   71.150
_cell.length_b   99.130
_cell.length_c   169.010
_cell.angle_alpha   90.00
_cell.angle_beta   90.00
_cell.angle_gamma   90.00
#
_symmetry.space_group_name_H-M   'P 21 21 21'
#
loop_
_entity.id
_entity.type
_entity.pdbx_description
1 polymer 'Lysine--tRNA ligase'
2 non-polymer LYSINE
3 non-polymer ~{N}4-(2,5-dimethoxyphenyl)-~{N}2-(2-propan-2-ylsulfonylphenyl)-1,3,5-triazine-2,4-diamine
4 non-polymer GLYCEROL
5 water water
#
_entity_poly.entity_id   1
_entity_poly.type   'polypeptide(L)'
_entity_poly.pdbx_seq_one_letter_code
;MEVDPRLYFENRSKFIQDQKDKGINPYPHKFERTISIPEFIEKYKDLGNGEHLEDTILNITGRIMRVSASGQKLRFFDLV
GDGEKIQVLANYSFHNHEKGNFAECYDKIRRGDIVGIVGFPGKSKKGELSIFPKETILLSACLHMLPMKYGLKDTEIRYR
QRYLDLLINESSRHTFVTRTKIINFLRNFLNERGFFEVETPMMNLIAGGANARPFITHHNDLDLDLYLRIATELPLKMLI
VGGIDKVYEIGKVFRNEGIDNTHNPEFTSCEFYWAYADYNDLIKWSEDFFSQLVYHLFGTYKISYNKDGPENQPIEIDFT
PPYPKVSIVEEIEKVTNTILEQPFDSNETIEKMINIIKEHKIELPNPPTAAKLLDQLASHFIENKYNDKPFFIVEHPQIM
SPLAKYHRTKPGLTERLEMFICGKEVLNAYTELNDPFKQKECFKLQQKDREKGDTEAAQLDSAFCTSLEYGLPPTGGLGL
GIDRITMFLTNKNSIKDVILFPTMRPANGGHHHHHH
;
_entity_poly.pdbx_strand_id   A,B
#
loop_
_chem_comp.id
_chem_comp.type
_chem_comp.name
_chem_comp.formula
GOL non-polymer GLYCEROL 'C3 H8 O3'
JT4 non-polymer ~{N}4-(2,5-dimethoxyphenyl)-~{N}2-(2-propan-2-ylsulfonylphenyl)-1,3,5-triazine-2,4-diamine 'C20 H23 N5 O4 S'
#
# COMPACT_ATOMS: atom_id res chain seq x y z
N VAL A 3 -16.10 -40.88 -6.72
CA VAL A 3 -16.66 -39.97 -7.71
C VAL A 3 -17.65 -39.01 -7.07
N ASP A 4 -18.02 -39.30 -5.82
CA ASP A 4 -18.94 -38.46 -5.08
C ASP A 4 -18.14 -37.54 -4.17
N PRO A 5 -18.11 -36.22 -4.41
CA PRO A 5 -17.26 -35.37 -3.55
C PRO A 5 -17.73 -35.30 -2.10
N ARG A 6 -19.05 -35.29 -1.85
CA ARG A 6 -19.54 -35.25 -0.49
C ARG A 6 -19.06 -36.46 0.31
N LEU A 7 -19.10 -37.66 -0.30
CA LEU A 7 -18.67 -38.86 0.43
C LEU A 7 -17.15 -38.88 0.59
N TYR A 8 -16.41 -38.37 -0.39
CA TYR A 8 -14.96 -38.26 -0.26
C TYR A 8 -14.59 -37.43 0.96
N PHE A 9 -15.27 -36.28 1.14
CA PHE A 9 -14.97 -35.41 2.27
C PHE A 9 -15.38 -36.06 3.58
N GLU A 10 -16.53 -36.74 3.60
CA GLU A 10 -16.96 -37.45 4.81
C GLU A 10 -15.96 -38.53 5.20
N ASN A 11 -15.48 -39.31 4.24
CA ASN A 11 -14.50 -40.36 4.55
C ASN A 11 -13.17 -39.76 4.99
N ARG A 12 -12.73 -38.67 4.34
CA ARG A 12 -11.51 -38.02 4.80
C ARG A 12 -11.65 -37.49 6.23
N SER A 13 -12.85 -37.00 6.58
CA SER A 13 -13.06 -36.43 7.91
C SER A 13 -13.01 -37.52 8.98
N LYS A 14 -13.64 -38.66 8.70
CA LYS A 14 -13.51 -39.81 9.59
C LYS A 14 -12.04 -40.24 9.70
N PHE A 15 -11.31 -40.20 8.59
CA PHE A 15 -9.90 -40.59 8.63
C PHE A 15 -9.13 -39.72 9.61
N ILE A 16 -9.41 -38.41 9.59
CA ILE A 16 -8.76 -37.49 10.52
C ILE A 16 -9.03 -37.92 11.96
N GLN A 17 -10.31 -38.16 12.28
CA GLN A 17 -10.68 -38.55 13.63
C GLN A 17 -10.02 -39.88 13.99
N ASP A 18 -10.01 -40.83 13.05
CA ASP A 18 -9.43 -42.15 13.30
C ASP A 18 -7.95 -42.03 13.65
N GLN A 19 -7.23 -41.12 12.97
CA GLN A 19 -5.81 -40.95 13.22
C GLN A 19 -5.52 -40.37 14.60
N LYS A 20 -6.26 -39.34 15.02
CA LYS A 20 -5.93 -38.74 16.31
C LYS A 20 -6.22 -39.70 17.45
N ASP A 21 -7.28 -40.50 17.36
CA ASP A 21 -7.53 -41.41 18.46
C ASP A 21 -6.86 -42.77 18.26
N LYS A 22 -5.97 -42.87 17.28
CA LYS A 22 -4.88 -43.84 17.28
C LYS A 22 -3.59 -43.21 17.80
N GLY A 23 -3.67 -41.96 18.27
CA GLY A 23 -2.53 -41.30 18.85
C GLY A 23 -1.60 -40.59 17.88
N ILE A 24 -1.95 -40.55 16.60
CA ILE A 24 -1.18 -39.81 15.60
C ILE A 24 -1.82 -38.44 15.42
N ASN A 25 -1.02 -37.39 15.54
CA ASN A 25 -1.52 -36.03 15.33
C ASN A 25 -1.45 -35.68 13.86
N PRO A 26 -2.57 -35.66 13.13
CA PRO A 26 -2.51 -35.31 11.70
C PRO A 26 -2.22 -33.84 11.43
N TYR A 27 -2.23 -32.98 12.45
CA TYR A 27 -1.89 -31.55 12.32
C TYR A 27 -0.82 -31.18 13.35
N PRO A 28 0.42 -31.66 13.17
CA PRO A 28 1.48 -31.36 14.15
C PRO A 28 1.90 -29.89 14.13
N HIS A 29 2.58 -29.51 15.22
CA HIS A 29 2.87 -28.10 15.49
C HIS A 29 4.00 -27.58 14.62
N LYS A 30 5.12 -28.30 14.57
CA LYS A 30 6.32 -27.78 13.93
C LYS A 30 7.03 -28.93 13.24
N PHE A 31 7.24 -28.79 11.94
CA PHE A 31 8.16 -29.65 11.21
C PHE A 31 9.33 -28.76 10.81
N GLU A 32 10.53 -29.13 11.25
CA GLU A 32 11.69 -28.27 11.09
C GLU A 32 12.29 -28.53 9.71
N ARG A 33 11.82 -27.74 8.75
CA ARG A 33 12.26 -27.86 7.37
C ARG A 33 13.71 -27.40 7.21
N THR A 34 14.44 -28.11 6.36
CA THR A 34 15.84 -27.84 6.05
C THR A 34 16.04 -27.16 4.70
N ILE A 35 15.18 -27.45 3.72
CA ILE A 35 15.39 -26.97 2.37
C ILE A 35 14.03 -26.79 1.71
N SER A 36 13.90 -25.71 0.94
CA SER A 36 12.69 -25.53 0.15
C SER A 36 12.81 -26.34 -1.14
N ILE A 37 11.66 -26.57 -1.78
CA ILE A 37 11.67 -27.31 -3.06
C ILE A 37 12.46 -26.56 -4.12
N PRO A 38 12.31 -25.24 -4.29
CA PRO A 38 13.21 -24.54 -5.24
C PRO A 38 14.69 -24.63 -4.90
N GLU A 39 15.05 -24.56 -3.61
CA GLU A 39 16.46 -24.70 -3.25
C GLU A 39 16.95 -26.12 -3.53
N PHE A 40 16.10 -27.11 -3.26
CA PHE A 40 16.45 -28.49 -3.55
C PHE A 40 16.72 -28.69 -5.03
N ILE A 41 15.87 -28.13 -5.89
CA ILE A 41 16.08 -28.27 -7.34
C ILE A 41 17.36 -27.56 -7.76
N GLU A 42 17.61 -26.36 -7.24
CA GLU A 42 18.83 -25.66 -7.61
C GLU A 42 20.06 -26.44 -7.18
N LYS A 43 20.06 -27.05 -6.03
CA LYS A 43 21.28 -27.70 -5.57
C LYS A 43 21.54 -29.06 -6.16
N TYR A 44 20.51 -29.78 -6.54
CA TYR A 44 20.71 -31.15 -6.99
C TYR A 44 20.24 -31.41 -8.43
N LYS A 45 20.06 -30.38 -9.23
CA LYS A 45 19.62 -30.60 -10.58
C LYS A 45 20.72 -31.24 -11.41
N ASP A 46 21.96 -30.86 -11.17
CA ASP A 46 23.06 -31.39 -11.96
C ASP A 46 23.55 -32.76 -11.46
N LEU A 47 22.77 -33.48 -10.66
CA LEU A 47 23.14 -34.84 -10.30
C LEU A 47 23.10 -35.72 -11.54
N GLY A 48 23.96 -36.74 -11.55
CA GLY A 48 23.95 -37.70 -12.64
C GLY A 48 22.78 -38.64 -12.54
N ASN A 49 22.47 -39.29 -13.66
CA ASN A 49 21.39 -40.28 -13.65
C ASN A 49 21.73 -41.38 -12.64
N GLY A 50 20.71 -41.84 -11.92
CA GLY A 50 20.89 -42.87 -10.93
C GLY A 50 21.66 -42.48 -9.69
N GLU A 51 22.19 -41.27 -9.61
CA GLU A 51 23.06 -40.87 -8.50
C GLU A 51 22.24 -40.59 -7.23
N HIS A 52 22.61 -41.24 -6.13
CA HIS A 52 22.02 -40.99 -4.81
C HIS A 52 23.04 -40.33 -3.89
N LEU A 53 22.58 -39.37 -3.08
CA LEU A 53 23.36 -38.88 -1.94
C LEU A 53 22.74 -39.49 -0.68
N GLU A 54 23.02 -40.78 -0.48
CA GLU A 54 22.33 -41.56 0.55
C GLU A 54 22.56 -41.00 1.94
N ASP A 55 23.78 -40.54 2.22
CA ASP A 55 24.09 -40.02 3.53
C ASP A 55 23.42 -38.67 3.80
N THR A 56 23.19 -37.88 2.76
CA THR A 56 22.69 -36.52 2.89
C THR A 56 21.22 -36.56 3.26
N ILE A 57 20.90 -36.32 4.53
CA ILE A 57 19.53 -36.40 5.04
C ILE A 57 18.96 -34.99 5.06
N LEU A 58 17.74 -34.84 4.56
CA LEU A 58 17.11 -33.54 4.39
C LEU A 58 15.70 -33.56 4.92
N ASN A 59 15.26 -32.44 5.47
CA ASN A 59 13.86 -32.25 5.86
C ASN A 59 13.23 -31.31 4.83
N ILE A 60 12.18 -31.78 4.15
CA ILE A 60 11.53 -31.02 3.08
C ILE A 60 10.03 -31.19 3.21
N THR A 61 9.29 -30.17 2.79
CA THR A 61 7.83 -30.20 2.87
C THR A 61 7.25 -29.86 1.50
N GLY A 62 5.98 -30.17 1.31
CA GLY A 62 5.32 -29.82 0.08
C GLY A 62 3.94 -30.41 0.03
N ARG A 63 3.26 -30.15 -1.08
CA ARG A 63 1.91 -30.66 -1.29
C ARG A 63 1.97 -31.78 -2.31
N ILE A 64 1.38 -32.93 -1.95
CA ILE A 64 1.29 -34.08 -2.85
C ILE A 64 0.27 -33.76 -3.94
N MET A 65 0.72 -33.81 -5.19
CA MET A 65 -0.16 -33.44 -6.29
C MET A 65 -0.42 -34.59 -7.25
N ARG A 66 0.22 -35.74 -7.03
CA ARG A 66 0.02 -36.92 -7.86
C ARG A 66 0.36 -38.14 -7.03
N VAL A 67 -0.43 -39.19 -7.15
CA VAL A 67 -0.22 -40.40 -6.37
C VAL A 67 -0.23 -41.59 -7.32
N SER A 68 0.79 -42.43 -7.25
CA SER A 68 0.79 -43.72 -7.95
C SER A 68 1.66 -44.71 -7.18
N ALA A 69 1.83 -45.90 -7.75
CA ALA A 69 2.63 -46.92 -7.12
C ALA A 69 3.16 -47.89 -8.17
N SER A 70 4.22 -48.60 -7.81
CA SER A 70 4.79 -49.67 -8.61
C SER A 70 4.79 -50.93 -7.77
N GLY A 71 3.65 -51.24 -7.19
CA GLY A 71 3.49 -52.35 -6.28
C GLY A 71 3.24 -51.86 -4.87
N GLN A 72 3.18 -52.81 -3.95
CA GLN A 72 3.08 -52.44 -2.54
C GLN A 72 4.40 -51.94 -1.96
N LYS A 73 5.50 -52.07 -2.72
CA LYS A 73 6.84 -51.92 -2.18
C LYS A 73 7.56 -50.69 -2.70
N LEU A 74 6.93 -49.92 -3.58
CA LEU A 74 7.61 -48.73 -4.10
C LEU A 74 6.53 -47.77 -4.58
N ARG A 75 6.53 -46.55 -4.02
CA ARG A 75 5.45 -45.61 -4.24
C ARG A 75 6.00 -44.32 -4.81
N PHE A 76 5.23 -43.68 -5.70
CA PHE A 76 5.62 -42.49 -6.44
C PHE A 76 4.64 -41.35 -6.18
N PHE A 77 5.19 -40.16 -5.95
CA PHE A 77 4.37 -38.97 -5.79
C PHE A 77 5.02 -37.79 -6.48
N ASP A 78 4.20 -36.82 -6.86
CA ASP A 78 4.66 -35.48 -7.20
C ASP A 78 4.54 -34.61 -5.95
N LEU A 79 5.60 -33.89 -5.60
CA LEU A 79 5.62 -32.98 -4.45
C LEU A 79 5.86 -31.57 -4.94
N VAL A 80 4.95 -30.63 -4.62
CA VAL A 80 5.06 -29.27 -5.13
C VAL A 80 5.18 -28.26 -3.99
N GLY A 81 5.97 -27.22 -4.23
CA GLY A 81 6.13 -26.12 -3.32
C GLY A 81 6.69 -24.91 -4.04
N ASP A 82 6.14 -23.74 -3.76
CA ASP A 82 6.61 -22.47 -4.33
C ASP A 82 6.63 -22.53 -5.86
N GLY A 83 5.60 -23.15 -6.43
CA GLY A 83 5.45 -23.22 -7.87
C GLY A 83 6.32 -24.22 -8.59
N GLU A 84 7.06 -25.05 -7.85
CA GLU A 84 7.98 -26.01 -8.45
C GLU A 84 7.67 -27.41 -7.95
N LYS A 85 8.30 -28.41 -8.57
CA LYS A 85 7.87 -29.78 -8.39
C LYS A 85 9.06 -30.72 -8.39
N ILE A 86 9.04 -31.71 -7.49
CA ILE A 86 9.98 -32.83 -7.54
C ILE A 86 9.20 -34.12 -7.39
N GLN A 87 9.91 -35.22 -7.61
CA GLN A 87 9.34 -36.54 -7.43
C GLN A 87 9.63 -37.04 -6.00
N VAL A 88 8.67 -37.76 -5.44
CA VAL A 88 8.89 -38.53 -4.21
C VAL A 88 8.97 -40.00 -4.60
N LEU A 89 10.09 -40.63 -4.29
CA LEU A 89 10.28 -42.05 -4.54
C LEU A 89 10.47 -42.77 -3.20
N ALA A 90 9.40 -43.36 -2.70
CA ALA A 90 9.42 -44.06 -1.41
C ALA A 90 9.68 -45.54 -1.67
N ASN A 91 10.89 -45.99 -1.36
CA ASN A 91 11.30 -47.37 -1.54
C ASN A 91 11.30 -48.09 -0.19
N TYR A 92 10.73 -49.29 -0.17
CA TYR A 92 10.59 -50.07 1.08
C TYR A 92 11.93 -50.19 1.81
N SER A 93 13.02 -50.42 1.08
CA SER A 93 14.33 -50.60 1.70
C SER A 93 14.91 -49.34 2.30
N PHE A 94 14.47 -48.16 1.86
CA PHE A 94 15.02 -46.94 2.42
C PHE A 94 14.23 -46.46 3.63
N HIS A 95 13.10 -47.10 3.91
CA HIS A 95 12.15 -46.65 4.92
C HIS A 95 12.63 -47.03 6.32
N ASN A 96 12.46 -46.10 7.27
CA ASN A 96 12.73 -46.37 8.69
C ASN A 96 11.54 -47.16 9.24
N HIS A 97 11.71 -48.47 9.33
CA HIS A 97 10.62 -49.33 9.77
C HIS A 97 10.33 -49.22 11.27
N GLU A 98 11.26 -48.66 12.03
CA GLU A 98 10.96 -48.41 13.44
C GLU A 98 9.86 -47.39 13.65
N LYS A 99 9.60 -46.52 12.67
CA LYS A 99 8.57 -45.50 12.80
C LYS A 99 7.19 -45.97 12.37
N GLY A 100 7.05 -47.19 11.86
CA GLY A 100 5.76 -47.65 11.39
C GLY A 100 5.84 -48.49 10.13
N ASN A 101 4.76 -49.18 9.80
CA ASN A 101 4.76 -50.08 8.65
C ASN A 101 4.77 -49.26 7.36
N PHE A 102 5.59 -49.70 6.39
CA PHE A 102 5.74 -48.98 5.13
C PHE A 102 4.40 -48.80 4.43
N ALA A 103 3.74 -49.90 4.09
CA ALA A 103 2.47 -49.80 3.37
C ALA A 103 1.45 -48.99 4.16
N GLU A 104 1.44 -49.15 5.49
CA GLU A 104 0.50 -48.42 6.32
C GLU A 104 0.68 -46.91 6.18
N CYS A 105 1.92 -46.44 6.18
CA CYS A 105 2.15 -45.01 6.13
C CYS A 105 1.75 -44.43 4.77
N TYR A 106 2.12 -45.11 3.69
CA TYR A 106 1.93 -44.54 2.36
C TYR A 106 0.56 -44.80 1.77
N ASP A 107 -0.13 -45.85 2.21
CA ASP A 107 -1.50 -46.06 1.73
C ASP A 107 -2.42 -44.91 2.15
N LYS A 108 -2.07 -44.19 3.22
CA LYS A 108 -2.91 -43.12 3.77
C LYS A 108 -2.89 -41.86 2.91
N ILE A 109 -1.81 -41.64 2.16
CA ILE A 109 -1.56 -40.37 1.49
C ILE A 109 -2.56 -40.18 0.35
N ARG A 110 -3.12 -38.98 0.26
CA ARG A 110 -4.06 -38.62 -0.80
C ARG A 110 -3.55 -37.37 -1.51
N ARG A 111 -3.95 -37.24 -2.76
CA ARG A 111 -3.62 -36.02 -3.52
C ARG A 111 -4.09 -34.77 -2.77
N GLY A 112 -3.20 -33.81 -2.61
CA GLY A 112 -3.45 -32.58 -1.89
C GLY A 112 -2.89 -32.55 -0.48
N ASP A 113 -2.57 -33.71 0.11
CA ASP A 113 -2.00 -33.72 1.45
C ASP A 113 -0.68 -32.97 1.47
N ILE A 114 -0.52 -32.11 2.48
CA ILE A 114 0.76 -31.52 2.77
C ILE A 114 1.53 -32.48 3.68
N VAL A 115 2.78 -32.78 3.31
CA VAL A 115 3.57 -33.75 4.04
C VAL A 115 4.89 -33.11 4.42
N GLY A 116 5.50 -33.70 5.43
CA GLY A 116 6.89 -33.43 5.74
C GLY A 116 7.65 -34.73 5.55
N ILE A 117 8.80 -34.64 4.88
CA ILE A 117 9.57 -35.82 4.49
C ILE A 117 10.97 -35.68 5.04
N VAL A 118 11.47 -36.75 5.66
CA VAL A 118 12.88 -36.90 5.94
C VAL A 118 13.44 -37.90 4.93
N GLY A 119 14.52 -37.54 4.25
CA GLY A 119 15.00 -38.40 3.18
C GLY A 119 16.23 -37.81 2.52
N PHE A 120 16.66 -38.47 1.43
CA PHE A 120 17.90 -38.06 0.79
C PHE A 120 17.69 -37.70 -0.69
N PRO A 121 18.55 -36.86 -1.27
CA PRO A 121 18.36 -36.45 -2.66
C PRO A 121 18.98 -37.44 -3.63
N GLY A 122 18.32 -37.59 -4.78
CA GLY A 122 18.80 -38.49 -5.82
C GLY A 122 18.05 -38.28 -7.12
N LYS A 123 18.61 -38.86 -8.17
CA LYS A 123 17.94 -38.96 -9.47
C LYS A 123 17.66 -40.42 -9.73
N SER A 124 16.45 -40.73 -10.18
CA SER A 124 16.19 -42.10 -10.59
C SER A 124 17.06 -42.47 -11.78
N LYS A 125 16.99 -43.73 -12.18
CA LYS A 125 17.71 -44.14 -13.39
C LYS A 125 17.11 -43.49 -14.63
N LYS A 126 15.80 -43.17 -14.60
CA LYS A 126 15.14 -42.45 -15.68
C LYS A 126 15.42 -40.96 -15.66
N GLY A 127 16.20 -40.46 -14.70
CA GLY A 127 16.63 -39.08 -14.68
C GLY A 127 15.76 -38.09 -13.92
N GLU A 128 14.77 -38.56 -13.15
CA GLU A 128 13.87 -37.66 -12.43
C GLU A 128 14.48 -37.28 -11.09
N LEU A 129 14.65 -35.99 -10.84
CA LEU A 129 15.16 -35.53 -9.56
C LEU A 129 14.12 -35.84 -8.49
N SER A 130 14.55 -36.50 -7.41
CA SER A 130 13.62 -37.03 -6.43
C SER A 130 14.17 -36.83 -5.02
N ILE A 131 13.24 -36.82 -4.07
CA ILE A 131 13.57 -37.02 -2.66
C ILE A 131 13.27 -38.48 -2.32
N PHE A 132 14.20 -39.14 -1.64
CA PHE A 132 13.98 -40.54 -1.25
C PHE A 132 13.69 -40.60 0.25
N PRO A 133 12.43 -40.75 0.65
CA PRO A 133 12.12 -40.68 2.09
C PRO A 133 12.61 -41.89 2.88
N LYS A 134 12.96 -41.60 4.14
CA LYS A 134 12.95 -42.59 5.22
C LYS A 134 11.71 -42.47 6.10
N GLU A 135 11.06 -41.32 6.09
CA GLU A 135 9.82 -41.10 6.82
C GLU A 135 9.08 -39.94 6.18
N THR A 136 7.77 -40.10 5.99
CA THR A 136 6.93 -38.99 5.58
C THR A 136 5.76 -38.90 6.54
N ILE A 137 5.51 -37.68 6.99
CA ILE A 137 4.45 -37.47 7.93
C ILE A 137 3.43 -36.50 7.41
N LEU A 138 2.18 -36.83 7.62
CA LEU A 138 1.11 -35.91 7.29
C LEU A 138 1.23 -34.65 8.14
N LEU A 139 1.29 -33.49 7.48
CA LEU A 139 1.32 -32.19 8.15
C LEU A 139 -0.02 -31.48 8.12
N SER A 140 -0.78 -31.66 7.04
CA SER A 140 -2.12 -31.11 6.90
C SER A 140 -2.82 -31.75 5.72
N ALA A 141 -3.98 -32.33 5.96
CA ALA A 141 -4.65 -33.12 4.94
C ALA A 141 -5.50 -32.25 4.03
N CYS A 142 -5.62 -32.67 2.77
CA CYS A 142 -6.62 -32.10 1.88
C CYS A 142 -7.87 -32.97 1.94
N LEU A 143 -8.94 -32.43 2.52
CA LEU A 143 -10.14 -33.23 2.77
C LEU A 143 -11.10 -33.26 1.60
N HIS A 144 -10.87 -32.45 0.55
CA HIS A 144 -11.74 -32.41 -0.61
C HIS A 144 -10.99 -32.96 -1.82
N MET A 145 -11.77 -33.41 -2.81
CA MET A 145 -11.18 -33.71 -4.11
C MET A 145 -10.78 -32.42 -4.80
N LEU A 146 -9.53 -32.34 -5.24
CA LEU A 146 -9.06 -31.20 -6.00
C LEU A 146 -9.67 -31.20 -7.41
N PRO A 147 -10.02 -30.04 -7.95
CA PRO A 147 -10.53 -30.00 -9.33
C PRO A 147 -9.44 -30.33 -10.33
N MET A 148 -9.89 -30.68 -11.54
CA MET A 148 -9.03 -30.69 -12.71
C MET A 148 -8.88 -29.27 -13.24
N LYS A 149 -7.78 -29.03 -13.96
CA LYS A 149 -7.62 -27.78 -14.71
C LYS A 149 -8.87 -27.46 -15.52
N TYR A 150 -9.40 -28.47 -16.22
CA TYR A 150 -10.60 -28.26 -17.03
C TYR A 150 -11.74 -27.71 -16.18
N GLY A 151 -11.87 -28.17 -14.93
CA GLY A 151 -12.91 -27.68 -14.06
C GLY A 151 -12.74 -26.24 -13.63
N LEU A 152 -11.56 -25.68 -13.81
CA LEU A 152 -11.33 -24.27 -13.50
C LEU A 152 -11.49 -23.35 -14.71
N LYS A 153 -11.81 -23.88 -15.90
CA LYS A 153 -11.64 -23.05 -17.09
C LYS A 153 -12.77 -22.02 -17.28
N ASP A 154 -13.98 -22.47 -17.58
CA ASP A 154 -15.09 -21.53 -17.78
C ASP A 154 -15.95 -21.41 -16.53
N THR A 155 -15.33 -21.20 -15.37
CA THR A 155 -16.07 -21.27 -14.12
C THR A 155 -15.56 -20.20 -13.18
N GLU A 156 -16.36 -19.92 -12.16
CA GLU A 156 -16.03 -18.91 -11.16
C GLU A 156 -15.18 -19.45 -10.03
N ILE A 157 -14.79 -20.74 -10.08
CA ILE A 157 -14.02 -21.31 -8.97
C ILE A 157 -12.68 -20.60 -8.82
N ARG A 158 -12.07 -20.18 -9.94
CA ARG A 158 -10.83 -19.39 -9.91
C ARG A 158 -10.94 -18.16 -9.03
N TYR A 159 -12.14 -17.58 -8.94
CA TYR A 159 -12.35 -16.32 -8.27
C TYR A 159 -12.90 -16.48 -6.86
N ARG A 160 -13.79 -17.46 -6.64
CA ARG A 160 -14.32 -17.72 -5.31
C ARG A 160 -13.39 -18.57 -4.44
N GLN A 161 -12.50 -19.35 -5.06
CA GLN A 161 -11.55 -20.23 -4.37
C GLN A 161 -10.17 -20.06 -5.00
N ARG A 162 -9.66 -18.81 -4.97
CA ARG A 162 -8.44 -18.48 -5.67
C ARG A 162 -7.28 -19.38 -5.30
N TYR A 163 -7.26 -19.91 -4.07
CA TYR A 163 -6.21 -20.85 -3.70
C TYR A 163 -6.21 -22.09 -4.60
N LEU A 164 -7.37 -22.56 -5.05
CA LEU A 164 -7.39 -23.67 -6.01
C LEU A 164 -6.78 -23.29 -7.37
N ASP A 165 -7.09 -22.10 -7.86
CA ASP A 165 -6.43 -21.58 -9.05
C ASP A 165 -4.91 -21.58 -8.89
N LEU A 166 -4.42 -21.03 -7.77
CA LEU A 166 -2.98 -20.89 -7.52
C LEU A 166 -2.29 -22.25 -7.41
N LEU A 167 -2.99 -23.24 -6.88
CA LEU A 167 -2.41 -24.57 -6.77
C LEU A 167 -2.37 -25.31 -8.09
N ILE A 168 -3.40 -25.16 -8.92
CA ILE A 168 -3.62 -26.03 -10.07
C ILE A 168 -3.10 -25.43 -11.36
N ASN A 169 -3.20 -24.10 -11.52
CA ASN A 169 -2.89 -23.42 -12.78
C ASN A 169 -1.56 -22.71 -12.63
N GLU A 170 -0.51 -23.27 -13.25
CA GLU A 170 0.81 -22.65 -13.18
C GLU A 170 0.76 -21.17 -13.58
N SER A 171 -0.05 -20.84 -14.57
CA SER A 171 -0.07 -19.47 -15.09
C SER A 171 -0.63 -18.49 -14.08
N SER A 172 -1.50 -18.96 -13.18
CA SER A 172 -2.11 -18.05 -12.23
C SER A 172 -1.06 -17.47 -11.28
N ARG A 173 -0.19 -18.32 -10.74
CA ARG A 173 0.96 -17.84 -9.97
C ARG A 173 1.78 -16.83 -10.74
N HIS A 174 2.08 -17.11 -12.01
CA HIS A 174 2.92 -16.21 -12.80
C HIS A 174 2.25 -14.86 -12.96
N THR A 175 0.92 -14.84 -13.14
CA THR A 175 0.19 -13.57 -13.29
C THR A 175 0.34 -12.71 -12.03
N PHE A 176 0.18 -13.31 -10.86
CA PHE A 176 0.24 -12.50 -9.66
C PHE A 176 1.67 -12.17 -9.27
N VAL A 177 2.64 -13.00 -9.67
CA VAL A 177 4.04 -12.64 -9.50
C VAL A 177 4.37 -11.43 -10.37
N THR A 178 3.84 -11.39 -11.59
CA THR A 178 4.09 -10.26 -12.47
C THR A 178 3.48 -8.99 -11.88
N ARG A 179 2.28 -9.09 -11.31
CA ARG A 179 1.64 -7.93 -10.71
C ARG A 179 2.54 -7.32 -9.63
N THR A 180 3.08 -8.14 -8.75
CA THR A 180 3.95 -7.62 -7.70
C THR A 180 5.26 -7.09 -8.29
N LYS A 181 5.79 -7.72 -9.33
CA LYS A 181 6.98 -7.18 -9.97
C LYS A 181 6.69 -5.81 -10.60
N ILE A 182 5.48 -5.62 -11.11
CA ILE A 182 5.13 -4.33 -11.71
C ILE A 182 5.10 -3.24 -10.63
N ILE A 183 4.44 -3.52 -9.50
CA ILE A 183 4.39 -2.53 -8.43
C ILE A 183 5.78 -2.26 -7.87
N ASN A 184 6.57 -3.32 -7.66
CA ASN A 184 7.95 -3.15 -7.21
C ASN A 184 8.74 -2.25 -8.15
N PHE A 185 8.64 -2.52 -9.45
CA PHE A 185 9.32 -1.70 -10.44
C PHE A 185 8.88 -0.24 -10.34
N LEU A 186 7.58 -0.02 -10.19
CA LEU A 186 7.06 1.35 -10.13
C LEU A 186 7.57 2.07 -8.89
N ARG A 187 7.51 1.40 -7.72
CA ARG A 187 7.97 2.04 -6.51
C ARG A 187 9.45 2.38 -6.59
N ASN A 188 10.26 1.45 -7.13
CA ASN A 188 11.69 1.70 -7.26
C ASN A 188 11.98 2.78 -8.29
N PHE A 189 11.20 2.81 -9.37
CA PHE A 189 11.36 3.84 -10.40
C PHE A 189 11.15 5.22 -9.81
N LEU A 190 10.11 5.37 -9.00
CA LEU A 190 9.81 6.66 -8.39
C LEU A 190 10.83 6.99 -7.30
N ASN A 191 11.20 6.00 -6.49
CA ASN A 191 12.13 6.27 -5.39
C ASN A 191 13.51 6.66 -5.92
N GLU A 192 13.95 6.05 -7.01
CA GLU A 192 15.24 6.40 -7.59
C GLU A 192 15.25 7.82 -8.13
N ARG A 193 14.08 8.41 -8.34
CA ARG A 193 13.98 9.74 -8.88
C ARG A 193 13.65 10.77 -7.82
N GLY A 194 13.80 10.41 -6.55
CA GLY A 194 13.61 11.35 -5.46
C GLY A 194 12.20 11.45 -4.92
N PHE A 195 11.28 10.59 -5.35
CA PHE A 195 9.90 10.70 -4.89
C PHE A 195 9.73 10.06 -3.52
N PHE A 196 8.82 10.64 -2.75
CA PHE A 196 8.60 10.30 -1.36
C PHE A 196 7.20 9.67 -1.21
N GLU A 197 7.16 8.43 -0.74
CA GLU A 197 5.90 7.72 -0.60
C GLU A 197 5.20 8.10 0.70
N VAL A 198 3.87 8.29 0.62
CA VAL A 198 3.05 8.70 1.76
C VAL A 198 1.75 7.91 1.77
N GLU A 199 1.01 8.04 2.88
CA GLU A 199 -0.36 7.56 2.97
C GLU A 199 -1.28 8.73 3.27
N THR A 200 -2.40 8.82 2.55
CA THR A 200 -3.41 9.83 2.80
C THR A 200 -4.70 9.10 3.15
N PRO A 201 -5.69 9.78 3.73
CA PRO A 201 -6.81 9.05 4.35
C PRO A 201 -7.65 8.31 3.33
N MET A 202 -8.19 7.17 3.76
CA MET A 202 -9.10 6.45 2.88
C MET A 202 -10.54 6.94 2.99
N MET A 203 -10.87 7.61 4.08
CA MET A 203 -12.20 8.15 4.33
C MET A 203 -12.08 9.65 4.47
N ASN A 204 -13.02 10.41 3.92
CA ASN A 204 -13.01 11.88 4.00
C ASN A 204 -14.44 12.42 3.95
N LEU A 205 -14.59 13.69 4.32
CA LEU A 205 -15.92 14.30 4.29
C LEU A 205 -16.40 14.58 2.88
N ILE A 206 -15.51 14.75 1.93
CA ILE A 206 -15.89 14.89 0.52
C ILE A 206 -15.16 13.81 -0.26
N ALA A 207 -15.58 13.61 -1.50
CA ALA A 207 -14.95 12.67 -2.42
C ALA A 207 -14.61 13.43 -3.71
N GLY A 208 -13.39 13.96 -3.79
CA GLY A 208 -12.96 14.73 -4.94
C GLY A 208 -11.71 14.14 -5.58
N GLY A 209 -11.29 14.77 -6.69
CA GLY A 209 -10.17 14.30 -7.47
C GLY A 209 -10.52 13.44 -8.66
N ALA A 210 -11.80 13.16 -8.89
CA ALA A 210 -12.29 12.49 -10.08
C ALA A 210 -13.81 12.71 -10.11
N ASN A 211 -14.48 12.09 -11.09
CA ASN A 211 -15.93 12.17 -11.20
C ASN A 211 -16.50 10.75 -11.16
N ALA A 212 -16.96 10.33 -9.97
CA ALA A 212 -17.47 8.98 -9.74
C ALA A 212 -18.36 8.97 -8.50
N ARG A 213 -19.34 8.02 -8.48
CA ARG A 213 -20.25 7.90 -7.31
C ARG A 213 -19.53 7.21 -6.15
N PRO A 214 -19.70 7.71 -4.91
CA PRO A 214 -18.84 7.24 -3.81
C PRO A 214 -19.45 6.15 -2.94
N PHE A 215 -18.58 5.39 -2.27
CA PHE A 215 -19.02 4.56 -1.16
C PHE A 215 -19.18 5.44 0.07
N ILE A 216 -20.25 5.22 0.83
CA ILE A 216 -20.55 5.98 2.03
C ILE A 216 -20.53 5.06 3.24
N THR A 217 -20.00 5.55 4.35
CA THR A 217 -19.92 4.74 5.55
C THR A 217 -20.07 5.63 6.77
N HIS A 218 -20.65 5.08 7.83
CA HIS A 218 -20.86 5.84 9.05
C HIS A 218 -19.69 5.65 10.01
N HIS A 219 -19.14 6.78 10.47
CA HIS A 219 -18.09 6.79 11.49
C HIS A 219 -18.75 6.90 12.87
N ASN A 220 -18.66 5.81 13.66
CA ASN A 220 -19.38 5.76 14.92
C ASN A 220 -18.92 6.85 15.89
N ASP A 221 -17.60 7.05 16.02
CA ASP A 221 -17.12 7.95 17.07
C ASP A 221 -17.38 9.40 16.74
N LEU A 222 -17.28 9.78 15.47
CA LEU A 222 -17.59 11.13 15.04
C LEU A 222 -19.08 11.34 14.77
N ASP A 223 -19.87 10.27 14.76
CA ASP A 223 -21.28 10.30 14.38
C ASP A 223 -21.47 11.11 13.10
N LEU A 224 -20.87 10.59 12.04
CA LEU A 224 -20.71 11.36 10.82
C LEU A 224 -20.59 10.39 9.67
N ASP A 225 -21.18 10.72 8.53
CA ASP A 225 -21.05 9.87 7.37
C ASP A 225 -19.87 10.33 6.54
N LEU A 226 -18.95 9.42 6.26
CA LEU A 226 -17.75 9.72 5.49
C LEU A 226 -17.82 8.97 4.17
N TYR A 227 -17.05 9.45 3.20
CA TYR A 227 -16.96 8.85 1.88
C TYR A 227 -15.59 8.22 1.70
N LEU A 228 -15.56 7.00 1.15
CA LEU A 228 -14.29 6.43 0.73
C LEU A 228 -13.72 7.26 -0.41
N ARG A 229 -12.40 7.41 -0.44
CA ARG A 229 -11.78 8.24 -1.46
C ARG A 229 -12.01 7.65 -2.85
N ILE A 230 -12.24 8.53 -3.82
CA ILE A 230 -12.32 8.13 -5.22
C ILE A 230 -10.99 8.36 -5.92
N ALA A 231 -10.09 9.10 -5.30
CA ALA A 231 -8.78 9.44 -5.84
C ALA A 231 -7.94 9.94 -4.66
N THR A 232 -6.63 9.99 -4.86
CA THR A 232 -5.73 10.57 -3.87
C THR A 232 -5.30 11.98 -4.25
N GLU A 233 -5.92 12.56 -5.28
CA GLU A 233 -5.37 13.75 -5.92
C GLU A 233 -5.29 14.94 -4.95
N LEU A 234 -6.39 15.23 -4.24
CA LEU A 234 -6.43 16.44 -3.42
C LEU A 234 -5.44 16.40 -2.25
N PRO A 235 -5.39 15.37 -1.40
CA PRO A 235 -4.40 15.42 -0.32
C PRO A 235 -2.97 15.42 -0.82
N LEU A 236 -2.68 14.77 -1.94
CA LEU A 236 -1.30 14.77 -2.42
C LEU A 236 -0.88 16.18 -2.85
N LYS A 237 -1.79 16.92 -3.51
CA LYS A 237 -1.44 18.30 -3.86
C LYS A 237 -1.23 19.16 -2.62
N MET A 238 -1.99 18.91 -1.56
CA MET A 238 -1.77 19.62 -0.30
C MET A 238 -0.36 19.37 0.24
N LEU A 239 0.17 18.16 0.05
CA LEU A 239 1.52 17.86 0.48
C LEU A 239 2.56 18.58 -0.37
N ILE A 240 2.27 18.82 -1.66
CA ILE A 240 3.13 19.67 -2.48
C ILE A 240 3.19 21.08 -1.90
N VAL A 241 2.03 21.64 -1.55
CA VAL A 241 2.01 22.94 -0.88
C VAL A 241 2.89 22.90 0.36
N GLY A 242 2.81 21.80 1.13
CA GLY A 242 3.64 21.61 2.28
C GLY A 242 5.11 21.40 2.02
N GLY A 243 5.54 21.37 0.75
CA GLY A 243 6.95 21.28 0.44
C GLY A 243 7.50 19.89 0.21
N ILE A 244 6.66 18.86 0.13
CA ILE A 244 7.11 17.55 -0.33
C ILE A 244 7.00 17.61 -1.85
N ASP A 245 8.11 18.00 -2.50
CA ASP A 245 8.10 18.41 -3.91
C ASP A 245 7.97 17.24 -4.90
N LYS A 246 8.26 16.01 -4.48
CA LYS A 246 7.97 14.82 -5.25
C LYS A 246 7.33 13.80 -4.31
N VAL A 247 6.05 13.55 -4.50
CA VAL A 247 5.29 12.76 -3.54
C VAL A 247 4.39 11.81 -4.33
N TYR A 248 4.11 10.65 -3.76
CA TYR A 248 3.23 9.71 -4.43
C TYR A 248 2.62 8.77 -3.40
N GLU A 249 1.61 8.04 -3.86
CA GLU A 249 0.87 7.09 -3.06
C GLU A 249 0.44 5.96 -3.97
N ILE A 250 0.63 4.74 -3.51
CA ILE A 250 0.11 3.53 -4.16
C ILE A 250 -0.88 2.88 -3.21
N GLY A 251 -2.14 2.79 -3.61
CA GLY A 251 -3.14 2.26 -2.69
C GLY A 251 -4.50 2.18 -3.35
N LYS A 252 -5.46 1.65 -2.59
CA LYS A 252 -6.80 1.44 -3.13
C LYS A 252 -7.59 2.75 -3.21
N VAL A 253 -8.43 2.85 -4.23
CA VAL A 253 -9.45 3.89 -4.32
C VAL A 253 -10.75 3.18 -4.69
N PHE A 254 -11.87 3.90 -4.52
CA PHE A 254 -13.20 3.29 -4.54
C PHE A 254 -14.16 4.12 -5.36
N ARG A 255 -14.81 3.50 -6.32
CA ARG A 255 -15.80 4.19 -7.14
C ARG A 255 -17.00 3.28 -7.25
N ASN A 256 -18.12 3.71 -6.66
CA ASN A 256 -19.30 2.86 -6.42
C ASN A 256 -20.17 2.81 -7.67
N GLU A 257 -19.67 2.08 -8.68
CA GLU A 257 -20.34 2.02 -9.98
C GLU A 257 -20.30 0.57 -10.49
N GLY A 258 -20.70 0.39 -11.74
CA GLY A 258 -20.91 -0.97 -12.25
C GLY A 258 -19.60 -1.68 -12.54
N ILE A 259 -19.58 -2.95 -12.23
CA ILE A 259 -18.46 -3.83 -12.56
C ILE A 259 -18.52 -4.19 -14.04
N ASP A 260 -17.36 -4.23 -14.69
CA ASP A 260 -17.24 -4.92 -15.98
C ASP A 260 -15.78 -5.33 -16.12
N ASN A 261 -15.41 -5.73 -17.34
CA ASN A 261 -14.12 -6.37 -17.55
C ASN A 261 -12.94 -5.44 -17.27
N THR A 262 -13.13 -4.12 -17.32
CA THR A 262 -12.04 -3.20 -17.02
C THR A 262 -12.36 -2.25 -15.88
N HIS A 263 -13.43 -2.49 -15.13
CA HIS A 263 -13.81 -1.62 -14.01
C HIS A 263 -14.10 -2.48 -12.79
N ASN A 264 -13.29 -2.33 -11.76
CA ASN A 264 -13.64 -2.91 -10.47
C ASN A 264 -13.88 -1.75 -9.50
N PRO A 265 -14.93 -1.82 -8.66
CA PRO A 265 -15.23 -0.68 -7.76
C PRO A 265 -14.10 -0.34 -6.80
N GLU A 266 -13.33 -1.31 -6.34
CA GLU A 266 -12.13 -0.99 -5.59
C GLU A 266 -10.97 -1.40 -6.47
N PHE A 267 -10.02 -0.49 -6.66
CA PHE A 267 -8.93 -0.77 -7.57
C PHE A 267 -7.70 -0.02 -7.09
N THR A 268 -6.55 -0.44 -7.58
CA THR A 268 -5.26 0.02 -7.09
C THR A 268 -4.78 1.14 -8.00
N SER A 269 -4.50 2.31 -7.41
CA SER A 269 -4.01 3.42 -8.21
C SER A 269 -2.65 3.84 -7.67
N CYS A 270 -1.83 4.40 -8.57
CA CYS A 270 -0.66 5.16 -8.17
C CYS A 270 -0.87 6.58 -8.66
N GLU A 271 -0.75 7.57 -7.78
CA GLU A 271 -0.71 8.96 -8.20
C GLU A 271 0.60 9.55 -7.73
N PHE A 272 1.25 10.35 -8.59
CA PHE A 272 2.40 11.12 -8.14
C PHE A 272 2.25 12.58 -8.52
N TYR A 273 2.84 13.46 -7.71
CA TYR A 273 2.85 14.89 -7.95
C TYR A 273 4.29 15.37 -7.94
N TRP A 274 4.65 16.19 -8.92
CA TRP A 274 6.05 16.52 -9.21
C TRP A 274 6.14 18.04 -9.37
N ALA A 275 6.61 18.72 -8.33
CA ALA A 275 6.72 20.17 -8.38
C ALA A 275 7.70 20.61 -9.48
N TYR A 276 7.33 21.67 -10.20
CA TYR A 276 8.11 22.33 -11.25
C TYR A 276 8.17 21.52 -12.54
N ALA A 277 7.39 20.44 -12.63
CA ALA A 277 7.18 19.72 -13.87
C ALA A 277 5.90 20.22 -14.55
N ASP A 278 5.81 19.97 -15.84
CA ASP A 278 4.58 20.29 -16.56
C ASP A 278 4.18 19.11 -17.44
N TYR A 279 3.10 19.32 -18.21
CA TYR A 279 2.61 18.39 -19.23
C TYR A 279 3.71 17.65 -19.98
N ASN A 280 4.72 18.38 -20.46
CA ASN A 280 5.74 17.76 -21.31
C ASN A 280 6.63 16.82 -20.52
N ASP A 281 6.93 17.18 -19.27
CA ASP A 281 7.68 16.25 -18.42
C ASP A 281 6.89 14.98 -18.18
N LEU A 282 5.57 15.08 -18.11
CA LEU A 282 4.76 13.89 -17.79
C LEU A 282 4.63 12.97 -18.98
N ILE A 283 4.59 13.52 -20.20
CA ILE A 283 4.67 12.72 -21.42
C ILE A 283 5.97 11.92 -21.44
N LYS A 284 7.09 12.60 -21.19
CA LYS A 284 8.38 11.92 -21.21
C LYS A 284 8.47 10.89 -20.08
N TRP A 285 7.96 11.23 -18.90
CA TRP A 285 7.93 10.25 -17.81
C TRP A 285 7.18 9.00 -18.23
N SER A 286 6.00 9.17 -18.86
CA SER A 286 5.23 8.01 -19.24
C SER A 286 5.97 7.14 -20.26
N GLU A 287 6.60 7.76 -21.26
CA GLU A 287 7.33 7.02 -22.28
C GLU A 287 8.54 6.30 -21.69
N ASP A 288 9.28 6.96 -20.80
CA ASP A 288 10.37 6.28 -20.09
C ASP A 288 9.83 5.13 -19.26
N PHE A 289 8.76 5.37 -18.48
CA PHE A 289 8.30 4.34 -17.54
C PHE A 289 7.80 3.11 -18.27
N PHE A 290 6.88 3.29 -19.22
CA PHE A 290 6.27 2.12 -19.84
C PHE A 290 7.27 1.32 -20.67
N SER A 291 8.17 2.00 -21.38
CA SER A 291 9.13 1.26 -22.19
C SER A 291 10.13 0.50 -21.30
N GLN A 292 10.57 1.14 -20.20
CA GLN A 292 11.50 0.47 -19.30
C GLN A 292 10.82 -0.67 -18.55
N LEU A 293 9.56 -0.47 -18.13
CA LEU A 293 8.83 -1.53 -17.45
C LEU A 293 8.66 -2.75 -18.37
N VAL A 294 8.24 -2.50 -19.61
CA VAL A 294 8.06 -3.60 -20.54
C VAL A 294 9.39 -4.28 -20.80
N TYR A 295 10.44 -3.50 -20.99
CA TYR A 295 11.75 -4.10 -21.23
C TYR A 295 12.23 -4.87 -20.00
N HIS A 296 11.98 -4.33 -18.81
CA HIS A 296 12.38 -5.01 -17.58
C HIS A 296 11.75 -6.39 -17.48
N LEU A 297 10.47 -6.49 -17.82
CA LEU A 297 9.75 -7.74 -17.65
C LEU A 297 10.01 -8.74 -18.77
N PHE A 298 10.25 -8.27 -20.00
CA PHE A 298 10.23 -9.15 -21.16
C PHE A 298 11.51 -9.18 -21.98
N GLY A 299 12.43 -8.24 -21.78
CA GLY A 299 13.62 -8.17 -22.59
C GLY A 299 13.42 -7.59 -23.97
N THR A 300 12.22 -7.07 -24.25
CA THR A 300 11.92 -6.44 -25.54
C THR A 300 10.82 -5.42 -25.29
N TYR A 301 10.65 -4.50 -26.24
CA TYR A 301 9.60 -3.49 -26.14
C TYR A 301 8.29 -3.93 -26.75
N LYS A 302 8.25 -5.06 -27.44
CA LYS A 302 7.05 -5.55 -28.11
C LYS A 302 6.51 -6.75 -27.36
N ILE A 303 5.19 -6.78 -27.14
CA ILE A 303 4.53 -7.87 -26.43
C ILE A 303 3.29 -8.29 -27.21
N SER A 304 2.83 -9.49 -26.93
CA SER A 304 1.62 -10.02 -27.54
C SER A 304 0.45 -9.83 -26.59
N TYR A 305 -0.69 -9.45 -27.14
CA TYR A 305 -1.90 -9.24 -26.35
C TYR A 305 -3.10 -9.78 -27.11
N ASN A 306 -3.92 -10.58 -26.42
CA ASN A 306 -5.12 -11.12 -27.04
C ASN A 306 -6.27 -10.18 -26.78
N LYS A 307 -6.34 -9.13 -27.62
CA LYS A 307 -7.35 -8.09 -27.42
C LYS A 307 -8.76 -8.67 -27.51
N ASP A 308 -8.97 -9.67 -28.33
CA ASP A 308 -10.31 -10.20 -28.50
C ASP A 308 -10.47 -11.59 -27.89
N GLY A 309 -9.70 -11.87 -26.85
CA GLY A 309 -9.78 -13.14 -26.14
C GLY A 309 -8.78 -14.17 -26.64
N PRO A 310 -8.69 -15.30 -25.93
CA PRO A 310 -7.76 -16.36 -26.37
C PRO A 310 -8.21 -17.06 -27.63
N GLU A 311 -9.50 -17.02 -27.96
CA GLU A 311 -10.01 -17.67 -29.17
C GLU A 311 -9.60 -16.96 -30.45
N ASN A 312 -9.04 -15.76 -30.36
CA ASN A 312 -8.66 -14.96 -31.51
C ASN A 312 -7.15 -14.71 -31.54
N GLN A 313 -6.69 -14.20 -32.67
CA GLN A 313 -5.27 -13.97 -32.86
C GLN A 313 -4.81 -12.83 -31.96
N PRO A 314 -3.61 -12.90 -31.41
CA PRO A 314 -3.06 -11.77 -30.65
C PRO A 314 -2.60 -10.65 -31.58
N ILE A 315 -2.61 -9.44 -31.04
CA ILE A 315 -1.97 -8.30 -31.69
C ILE A 315 -0.69 -7.97 -30.94
N GLU A 316 0.25 -7.38 -31.67
CA GLU A 316 1.52 -6.98 -31.09
C GLU A 316 1.44 -5.52 -30.68
N ILE A 317 1.82 -5.24 -29.44
CA ILE A 317 1.85 -3.87 -28.93
C ILE A 317 3.31 -3.48 -28.79
N ASP A 318 3.70 -2.39 -29.44
CA ASP A 318 5.06 -1.90 -29.46
C ASP A 318 5.17 -0.74 -28.47
N PHE A 319 5.90 -0.95 -27.38
CA PHE A 319 6.10 0.10 -26.38
C PHE A 319 7.35 0.91 -26.64
N THR A 320 7.94 0.77 -27.83
CA THR A 320 9.11 1.59 -28.19
C THR A 320 8.68 3.04 -28.29
N PRO A 321 9.32 3.95 -27.56
CA PRO A 321 8.91 5.35 -27.59
C PRO A 321 9.50 6.07 -28.79
N PRO A 322 8.96 7.24 -29.17
CA PRO A 322 7.88 8.00 -28.53
C PRO A 322 6.51 7.48 -28.94
N TYR A 323 5.44 7.88 -28.26
CA TYR A 323 4.10 7.44 -28.65
C TYR A 323 3.32 8.58 -29.31
N PRO A 324 2.38 8.28 -30.20
CA PRO A 324 1.63 9.37 -30.84
C PRO A 324 0.85 10.18 -29.82
N LYS A 325 0.58 11.43 -30.16
CA LYS A 325 -0.25 12.33 -29.39
C LYS A 325 -1.39 12.82 -30.27
N VAL A 326 -2.62 12.69 -29.78
CA VAL A 326 -3.81 13.05 -30.54
C VAL A 326 -4.58 14.09 -29.75
N SER A 327 -4.81 15.26 -30.34
CA SER A 327 -5.59 16.33 -29.70
C SER A 327 -7.05 15.97 -29.79
N ILE A 328 -7.75 15.99 -28.67
CA ILE A 328 -9.10 15.43 -28.61
C ILE A 328 -10.09 16.23 -29.46
N VAL A 329 -10.10 17.55 -29.32
CA VAL A 329 -11.10 18.34 -30.07
C VAL A 329 -10.79 18.33 -31.56
N GLU A 330 -9.53 18.59 -31.94
CA GLU A 330 -9.16 18.58 -33.35
C GLU A 330 -9.51 17.25 -33.99
N GLU A 331 -9.27 16.16 -33.28
CA GLU A 331 -9.49 14.85 -33.86
C GLU A 331 -10.97 14.53 -33.95
N ILE A 332 -11.78 14.92 -32.95
CA ILE A 332 -13.23 14.72 -33.07
C ILE A 332 -13.77 15.51 -34.25
N GLU A 333 -13.37 16.77 -34.34
CA GLU A 333 -13.78 17.63 -35.46
C GLU A 333 -13.44 17.00 -36.79
N LYS A 334 -12.25 16.46 -36.94
CA LYS A 334 -11.86 15.84 -38.19
C LYS A 334 -12.69 14.63 -38.53
N VAL A 335 -12.77 13.69 -37.61
CA VAL A 335 -13.49 12.46 -37.86
C VAL A 335 -14.97 12.66 -38.08
N THR A 336 -15.55 13.57 -37.35
CA THR A 336 -16.96 13.84 -37.58
C THR A 336 -17.19 14.92 -38.65
N ASN A 337 -16.14 15.54 -39.17
CA ASN A 337 -16.32 16.63 -40.14
C ASN A 337 -17.27 17.70 -39.62
N THR A 338 -17.04 18.14 -38.39
CA THR A 338 -17.94 19.08 -37.74
C THR A 338 -17.09 20.00 -36.88
N ILE A 339 -17.23 21.30 -37.05
CA ILE A 339 -16.52 22.26 -36.20
C ILE A 339 -17.28 22.42 -34.88
N LEU A 340 -16.56 22.38 -33.77
CA LEU A 340 -17.15 22.52 -32.43
C LEU A 340 -16.58 23.78 -31.80
N GLU A 341 -17.37 24.87 -31.80
CA GLU A 341 -16.86 26.15 -31.37
C GLU A 341 -16.99 26.30 -29.86
N GLN A 342 -16.03 27.03 -29.30
CA GLN A 342 -16.07 27.38 -27.90
C GLN A 342 -17.12 28.46 -27.65
N PRO A 343 -17.65 28.54 -26.43
CA PRO A 343 -17.46 27.59 -25.32
C PRO A 343 -18.12 26.27 -25.67
N PHE A 344 -17.53 25.14 -25.26
CA PHE A 344 -18.11 23.85 -25.60
C PHE A 344 -19.42 23.58 -24.89
N ASP A 345 -19.71 24.31 -23.82
CA ASP A 345 -20.99 24.20 -23.14
C ASP A 345 -21.99 25.29 -23.57
N SER A 346 -21.67 26.05 -24.61
CA SER A 346 -22.65 26.94 -25.20
C SER A 346 -23.84 26.14 -25.74
N ASN A 347 -24.99 26.80 -25.86
CA ASN A 347 -26.20 26.14 -26.34
C ASN A 347 -26.01 25.57 -27.73
N GLU A 348 -25.30 26.29 -28.61
CA GLU A 348 -25.18 25.86 -30.00
C GLU A 348 -24.27 24.64 -30.11
N THR A 349 -23.13 24.66 -29.41
CA THR A 349 -22.19 23.53 -29.47
C THR A 349 -22.74 22.27 -28.80
N ILE A 350 -23.55 22.43 -27.74
CA ILE A 350 -24.25 21.28 -27.16
C ILE A 350 -25.10 20.60 -28.22
N GLU A 351 -25.92 21.39 -28.91
CA GLU A 351 -26.85 20.84 -29.89
C GLU A 351 -26.12 20.16 -31.03
N LYS A 352 -24.94 20.67 -31.38
CA LYS A 352 -24.16 20.09 -32.46
C LYS A 352 -23.62 18.71 -32.07
N MET A 353 -23.13 18.60 -30.84
CA MET A 353 -22.63 17.31 -30.35
C MET A 353 -23.74 16.27 -30.27
N ILE A 354 -24.92 16.68 -29.81
CA ILE A 354 -26.04 15.74 -29.73
C ILE A 354 -26.40 15.27 -31.13
N ASN A 355 -26.44 16.20 -32.09
CA ASN A 355 -26.77 15.85 -33.46
C ASN A 355 -25.76 14.88 -34.05
N ILE A 356 -24.47 15.07 -33.77
CA ILE A 356 -23.48 14.07 -34.19
C ILE A 356 -23.84 12.72 -33.60
N ILE A 357 -24.17 12.71 -32.31
CA ILE A 357 -24.48 11.47 -31.62
C ILE A 357 -25.78 10.87 -32.16
N LYS A 358 -26.79 11.71 -32.38
CA LYS A 358 -28.03 11.27 -33.02
C LYS A 358 -27.76 10.68 -34.41
N GLU A 359 -26.98 11.40 -35.22
CA GLU A 359 -26.76 10.96 -36.60
C GLU A 359 -25.99 9.65 -36.65
N HIS A 360 -25.06 9.43 -35.72
CA HIS A 360 -24.27 8.21 -35.72
C HIS A 360 -24.88 7.08 -34.88
N LYS A 361 -26.02 7.31 -34.23
CA LYS A 361 -26.69 6.27 -33.42
C LYS A 361 -25.82 5.83 -32.24
N ILE A 362 -25.08 6.78 -31.68
CA ILE A 362 -24.26 6.56 -30.49
C ILE A 362 -25.10 6.85 -29.27
N GLU A 363 -24.93 6.08 -28.20
CA GLU A 363 -25.75 6.29 -27.02
C GLU A 363 -25.59 7.71 -26.50
N LEU A 364 -26.71 8.42 -26.35
CA LEU A 364 -26.65 9.74 -25.73
C LEU A 364 -26.47 9.59 -24.22
N PRO A 365 -25.46 10.25 -23.65
CA PRO A 365 -25.32 10.24 -22.18
C PRO A 365 -26.44 11.00 -21.49
N ASN A 366 -26.77 10.59 -20.28
CA ASN A 366 -27.74 11.34 -19.49
C ASN A 366 -27.04 11.65 -18.20
N PRO A 367 -27.07 12.91 -17.81
CA PRO A 367 -27.62 14.05 -18.55
C PRO A 367 -26.73 14.35 -19.77
N PRO A 368 -27.28 15.02 -20.78
CA PRO A 368 -26.46 15.37 -21.97
C PRO A 368 -25.64 16.64 -21.77
N THR A 369 -24.74 16.60 -20.78
CA THR A 369 -23.82 17.71 -20.52
C THR A 369 -22.66 17.71 -21.53
N ALA A 370 -22.06 18.89 -21.68
CA ALA A 370 -20.99 19.06 -22.65
C ALA A 370 -19.81 18.14 -22.34
N ALA A 371 -19.41 18.08 -21.07
CA ALA A 371 -18.34 17.16 -20.67
C ALA A 371 -18.70 15.73 -21.04
N LYS A 372 -19.93 15.33 -20.76
CA LYS A 372 -20.34 13.97 -21.06
C LYS A 372 -20.44 13.71 -22.56
N LEU A 373 -20.88 14.70 -23.32
CA LEU A 373 -20.98 14.52 -24.77
C LEU A 373 -19.59 14.37 -25.39
N LEU A 374 -18.66 15.23 -24.98
CA LEU A 374 -17.27 15.15 -25.44
C LEU A 374 -16.65 13.81 -25.09
N ASP A 375 -16.80 13.37 -23.84
CA ASP A 375 -16.31 12.05 -23.46
C ASP A 375 -16.91 10.97 -24.36
N GLN A 376 -18.22 11.02 -24.62
CA GLN A 376 -18.83 10.00 -25.48
C GLN A 376 -18.24 10.05 -26.89
N LEU A 377 -18.06 11.26 -27.43
CA LEU A 377 -17.51 11.40 -28.78
C LEU A 377 -16.08 10.89 -28.84
N ALA A 378 -15.28 11.21 -27.82
CA ALA A 378 -13.92 10.71 -27.75
C ALA A 378 -13.92 9.18 -27.69
N SER A 379 -14.78 8.62 -26.83
CA SER A 379 -14.85 7.17 -26.70
C SER A 379 -15.15 6.51 -28.05
N HIS A 380 -16.06 7.07 -28.82
CA HIS A 380 -16.46 6.39 -30.05
C HIS A 380 -15.50 6.64 -31.21
N PHE A 381 -14.96 7.85 -31.32
CA PHE A 381 -14.24 8.26 -32.51
C PHE A 381 -12.72 8.22 -32.39
N ILE A 382 -12.15 8.26 -31.18
CA ILE A 382 -10.69 8.33 -31.12
C ILE A 382 -10.06 7.28 -30.22
N GLU A 383 -10.75 6.73 -29.22
CA GLU A 383 -10.05 5.93 -28.23
C GLU A 383 -9.49 4.62 -28.79
N ASN A 384 -9.89 4.22 -29.99
CA ASN A 384 -9.32 3.05 -30.62
C ASN A 384 -8.53 3.40 -31.88
N LYS A 385 -8.03 4.64 -31.95
CA LYS A 385 -7.27 5.05 -33.13
C LYS A 385 -6.04 4.16 -33.34
N TYR A 386 -5.36 3.80 -32.25
CA TYR A 386 -4.18 2.95 -32.32
C TYR A 386 -4.40 1.74 -31.43
N ASN A 387 -4.03 0.55 -31.92
CA ASN A 387 -3.93 -0.63 -31.06
C ASN A 387 -2.58 -1.30 -31.13
N ASP A 388 -1.76 -0.98 -32.13
CA ASP A 388 -0.41 -1.50 -32.27
C ASP A 388 0.58 -0.86 -31.30
N LYS A 389 0.19 0.19 -30.59
CA LYS A 389 1.10 0.89 -29.69
C LYS A 389 0.28 1.74 -28.74
N PRO A 390 0.83 2.09 -27.58
CA PRO A 390 0.13 3.04 -26.71
C PRO A 390 0.10 4.40 -27.39
N PHE A 391 -0.88 5.22 -27.01
CA PHE A 391 -0.89 6.58 -27.51
C PHE A 391 -1.58 7.48 -26.50
N PHE A 392 -1.32 8.78 -26.64
CA PHE A 392 -1.87 9.81 -25.77
C PHE A 392 -3.02 10.53 -26.47
N ILE A 393 -4.12 10.72 -25.76
CA ILE A 393 -5.10 11.75 -26.10
C ILE A 393 -4.81 12.96 -25.23
N VAL A 394 -4.68 14.15 -25.84
CA VAL A 394 -4.15 15.32 -25.15
C VAL A 394 -5.03 16.55 -25.36
N GLU A 395 -4.78 17.56 -24.51
CA GLU A 395 -5.34 18.91 -24.62
C GLU A 395 -6.85 18.93 -24.47
N HIS A 396 -7.35 18.19 -23.48
CA HIS A 396 -8.78 18.12 -23.20
C HIS A 396 -9.34 19.51 -22.86
N PRO A 397 -10.58 19.76 -23.25
CA PRO A 397 -11.26 20.99 -22.84
C PRO A 397 -11.28 21.17 -21.32
N GLN A 398 -11.22 22.44 -20.92
CA GLN A 398 -11.32 22.80 -19.51
C GLN A 398 -12.60 22.27 -18.89
N ILE A 399 -13.71 22.25 -19.64
CA ILE A 399 -14.97 21.79 -19.07
C ILE A 399 -14.96 20.30 -18.74
N MET A 400 -14.04 19.51 -19.32
CA MET A 400 -13.84 18.11 -18.95
C MET A 400 -12.82 17.92 -17.85
N SER A 401 -12.14 18.98 -17.42
CA SER A 401 -10.87 18.86 -16.70
C SER A 401 -10.77 19.96 -15.63
N PRO A 402 -11.64 19.92 -14.61
CA PRO A 402 -11.73 21.07 -13.68
C PRO A 402 -10.50 21.29 -12.80
N LEU A 403 -9.55 20.35 -12.73
CA LEU A 403 -8.34 20.53 -11.93
C LEU A 403 -7.08 20.69 -12.77
N ALA A 404 -7.19 20.71 -14.10
CA ALA A 404 -6.03 20.81 -14.96
C ALA A 404 -5.80 22.27 -15.35
N LYS A 405 -4.54 22.65 -15.50
CA LYS A 405 -4.23 24.06 -15.77
C LYS A 405 -4.59 24.41 -17.21
N TYR A 406 -5.08 25.63 -17.41
CA TYR A 406 -5.44 26.07 -18.75
C TYR A 406 -4.24 25.98 -19.68
N HIS A 407 -4.51 25.64 -20.94
CA HIS A 407 -3.45 25.46 -21.91
C HIS A 407 -2.79 26.81 -22.22
N ARG A 408 -1.46 26.82 -22.30
CA ARG A 408 -0.75 28.10 -22.36
C ARG A 408 -0.86 28.78 -23.72
N THR A 409 -1.32 28.08 -24.76
CA THR A 409 -1.59 28.75 -26.04
C THR A 409 -2.98 28.51 -26.61
N LYS A 410 -3.68 27.44 -26.22
CA LYS A 410 -4.92 27.09 -26.91
C LYS A 410 -6.12 27.39 -26.03
N PRO A 411 -6.94 28.37 -26.39
CA PRO A 411 -8.07 28.78 -25.53
C PRO A 411 -9.05 27.64 -25.28
N GLY A 412 -9.59 27.62 -24.07
CA GLY A 412 -10.58 26.64 -23.71
C GLY A 412 -10.06 25.25 -23.42
N LEU A 413 -8.77 24.99 -23.66
CA LEU A 413 -8.19 23.67 -23.46
C LEU A 413 -7.28 23.65 -22.23
N THR A 414 -6.84 22.45 -21.85
CA THR A 414 -5.95 22.24 -20.72
C THR A 414 -4.71 21.48 -21.16
N GLU A 415 -3.72 21.40 -20.28
CA GLU A 415 -2.50 20.66 -20.56
C GLU A 415 -2.62 19.27 -19.94
N ARG A 416 -3.46 18.47 -20.57
CA ARG A 416 -3.83 17.16 -20.07
C ARG A 416 -3.43 16.09 -21.07
N LEU A 417 -3.13 14.91 -20.55
CA LEU A 417 -2.83 13.77 -21.40
C LEU A 417 -3.47 12.54 -20.78
N GLU A 418 -3.94 11.64 -21.63
CA GLU A 418 -4.39 10.32 -21.18
C GLU A 418 -3.72 9.30 -22.08
N MET A 419 -3.07 8.28 -21.49
CA MET A 419 -2.53 7.21 -22.30
C MET A 419 -3.52 6.06 -22.39
N PHE A 420 -3.65 5.53 -23.61
CA PHE A 420 -4.54 4.44 -23.94
C PHE A 420 -3.73 3.27 -24.49
N ILE A 421 -4.07 2.07 -24.04
CA ILE A 421 -3.59 0.83 -24.63
C ILE A 421 -4.83 0.04 -25.06
N CYS A 422 -4.84 -0.36 -26.34
CA CYS A 422 -5.94 -1.16 -26.90
C CYS A 422 -7.30 -0.60 -26.54
N GLY A 423 -7.46 0.71 -26.65
CA GLY A 423 -8.74 1.32 -26.36
C GLY A 423 -9.04 1.56 -24.90
N LYS A 424 -8.13 1.23 -23.98
CA LYS A 424 -8.37 1.36 -22.55
C LYS A 424 -7.41 2.37 -21.93
N GLU A 425 -7.97 3.33 -21.19
CA GLU A 425 -7.16 4.30 -20.47
C GLU A 425 -6.39 3.61 -19.34
N VAL A 426 -5.10 3.89 -19.24
CA VAL A 426 -4.29 3.42 -18.11
C VAL A 426 -3.64 4.55 -17.36
N LEU A 427 -3.76 5.81 -17.81
CA LEU A 427 -2.98 6.89 -17.23
C LEU A 427 -3.70 8.22 -17.49
N ASN A 428 -3.68 9.11 -16.51
CA ASN A 428 -4.31 10.40 -16.65
C ASN A 428 -3.40 11.40 -15.94
N ALA A 429 -3.05 12.49 -16.62
CA ALA A 429 -2.01 13.37 -16.07
C ALA A 429 -2.23 14.78 -16.58
N TYR A 430 -1.75 15.77 -15.82
CA TYR A 430 -1.81 17.13 -16.35
C TYR A 430 -0.92 18.08 -15.57
N THR A 431 -0.59 19.20 -16.23
CA THR A 431 -0.20 20.38 -15.49
C THR A 431 -1.32 20.74 -14.54
N GLU A 432 -0.99 20.93 -13.27
CA GLU A 432 -2.01 21.13 -12.26
C GLU A 432 -2.47 22.58 -12.24
N LEU A 433 -3.79 22.78 -12.21
CA LEU A 433 -4.33 24.10 -11.96
C LEU A 433 -3.87 24.57 -10.57
N ASN A 434 -3.23 25.72 -10.50
CA ASN A 434 -2.72 26.19 -9.21
C ASN A 434 -3.10 27.63 -8.88
N ASP A 435 -3.86 28.31 -9.75
CA ASP A 435 -4.38 29.65 -9.44
C ASP A 435 -5.71 29.45 -8.74
N PRO A 436 -5.82 29.75 -7.44
CA PRO A 436 -7.10 29.50 -6.76
C PRO A 436 -8.27 30.27 -7.35
N PHE A 437 -8.02 31.43 -7.95
CA PHE A 437 -9.10 32.24 -8.50
C PHE A 437 -9.73 31.61 -9.74
N LYS A 438 -9.02 30.70 -10.39
CA LYS A 438 -9.60 29.93 -11.49
C LYS A 438 -10.17 28.59 -11.05
N GLN A 439 -9.92 28.13 -9.85
CA GLN A 439 -10.50 26.86 -9.50
C GLN A 439 -11.96 27.16 -9.36
N LYS A 440 -12.71 27.37 -10.43
CA LYS A 440 -14.12 27.83 -10.28
C LYS A 440 -14.87 27.40 -9.02
N GLU A 441 -14.83 26.12 -8.70
CA GLU A 441 -15.60 25.58 -7.58
C GLU A 441 -15.19 26.09 -6.21
N CYS A 442 -14.06 26.74 -6.11
CA CYS A 442 -13.70 27.20 -4.83
C CYS A 442 -14.53 28.45 -4.67
N PHE A 443 -15.85 28.31 -4.84
CA PHE A 443 -16.78 29.46 -4.77
C PHE A 443 -16.08 30.76 -5.11
N LEU A 460 -14.68 18.61 -4.47
CA LEU A 460 -14.70 20.01 -4.07
C LEU A 460 -14.60 20.22 -2.56
N ASP A 461 -13.40 20.50 -2.05
CA ASP A 461 -13.22 20.67 -0.61
C ASP A 461 -12.73 22.05 -0.25
N SER A 462 -13.24 22.58 0.84
CA SER A 462 -12.78 23.86 1.30
C SER A 462 -11.35 23.75 1.71
N ALA A 463 -11.02 22.64 2.33
CA ALA A 463 -9.67 22.43 2.76
C ALA A 463 -8.65 22.51 1.62
N PHE A 464 -8.97 21.90 0.47
CA PHE A 464 -8.09 21.94 -0.67
C PHE A 464 -7.99 23.34 -1.20
N CYS A 465 -9.14 23.96 -1.38
CA CYS A 465 -9.19 25.30 -1.90
C CYS A 465 -8.35 26.23 -1.05
N THR A 466 -8.47 26.07 0.24
CA THR A 466 -7.68 26.93 1.12
C THR A 466 -6.19 26.65 0.96
N SER A 467 -5.79 25.37 0.85
CA SER A 467 -4.38 25.06 0.66
C SER A 467 -3.83 25.73 -0.60
N LEU A 468 -4.61 25.76 -1.69
CA LEU A 468 -4.15 26.46 -2.90
C LEU A 468 -3.82 27.94 -2.61
N GLU A 469 -4.56 28.56 -1.70
CA GLU A 469 -4.30 29.96 -1.37
C GLU A 469 -2.98 30.18 -0.68
N TYR A 470 -2.31 29.11 -0.23
CA TYR A 470 -1.01 29.23 0.41
C TYR A 470 0.15 29.07 -0.59
N GLY A 471 -0.17 28.79 -1.86
CA GLY A 471 0.78 28.75 -2.93
C GLY A 471 1.12 27.33 -3.31
N LEU A 472 0.44 26.82 -4.33
CA LEU A 472 0.85 25.58 -4.96
C LEU A 472 1.84 25.92 -6.06
N PRO A 473 3.07 25.45 -6.00
CA PRO A 473 4.01 25.71 -7.08
C PRO A 473 3.49 25.12 -8.39
N PRO A 474 3.95 25.60 -9.53
CA PRO A 474 3.66 24.89 -10.79
C PRO A 474 4.07 23.44 -10.64
N THR A 475 3.18 22.52 -11.04
CA THR A 475 3.27 21.11 -10.68
C THR A 475 2.64 20.27 -11.79
N GLY A 476 3.19 19.10 -12.03
CA GLY A 476 2.57 18.08 -12.87
C GLY A 476 2.23 16.87 -12.04
N GLY A 477 1.04 16.31 -12.26
CA GLY A 477 0.60 15.13 -11.53
C GLY A 477 0.06 14.10 -12.50
N LEU A 478 0.03 12.85 -12.03
CA LEU A 478 -0.23 11.72 -12.90
C LEU A 478 -0.78 10.57 -12.08
N GLY A 479 -1.76 9.88 -12.63
CA GLY A 479 -2.35 8.71 -11.98
C GLY A 479 -2.29 7.55 -12.95
N LEU A 480 -1.93 6.39 -12.43
CA LEU A 480 -1.85 5.14 -13.18
C LEU A 480 -2.92 4.17 -12.70
N GLY A 481 -3.50 3.40 -13.64
CA GLY A 481 -4.33 2.26 -13.30
C GLY A 481 -3.50 0.99 -13.20
N ILE A 482 -3.13 0.56 -11.99
CA ILE A 482 -2.22 -0.57 -11.88
C ILE A 482 -2.87 -1.87 -12.35
N ASP A 483 -4.15 -2.06 -12.05
CA ASP A 483 -4.85 -3.27 -12.48
C ASP A 483 -4.89 -3.39 -14.01
N ARG A 484 -5.24 -2.31 -14.71
CA ARG A 484 -5.28 -2.37 -16.17
C ARG A 484 -3.90 -2.62 -16.76
N ILE A 485 -2.87 -1.95 -16.21
CA ILE A 485 -1.52 -2.18 -16.71
C ILE A 485 -1.14 -3.64 -16.54
N THR A 486 -1.46 -4.23 -15.38
CA THR A 486 -1.17 -5.63 -15.15
C THR A 486 -1.92 -6.51 -16.14
N MET A 487 -3.16 -6.14 -16.50
CA MET A 487 -3.92 -6.96 -17.43
C MET A 487 -3.20 -7.05 -18.76
N PHE A 488 -2.69 -5.92 -19.26
CA PHE A 488 -2.00 -5.93 -20.56
C PHE A 488 -0.67 -6.66 -20.49
N LEU A 489 0.01 -6.61 -19.34
CA LEU A 489 1.33 -7.21 -19.27
C LEU A 489 1.28 -8.68 -18.86
N THR A 490 0.09 -9.22 -18.59
CA THR A 490 -0.10 -10.64 -18.29
C THR A 490 -1.11 -11.27 -19.24
N ASN A 491 -1.46 -10.56 -20.32
CA ASN A 491 -2.37 -11.07 -21.35
C ASN A 491 -3.73 -11.47 -20.78
N LYS A 492 -4.32 -10.60 -19.97
CA LYS A 492 -5.66 -10.84 -19.46
C LYS A 492 -6.64 -9.84 -20.08
N ASN A 493 -7.87 -10.30 -20.24
CA ASN A 493 -8.95 -9.54 -20.83
C ASN A 493 -9.93 -9.05 -19.79
N SER A 494 -9.82 -9.55 -18.56
CA SER A 494 -10.73 -9.22 -17.47
C SER A 494 -9.94 -8.84 -16.24
N ILE A 495 -10.39 -7.77 -15.58
CA ILE A 495 -9.72 -7.30 -14.38
C ILE A 495 -9.77 -8.36 -13.27
N LYS A 496 -10.80 -9.21 -13.27
CA LYS A 496 -10.85 -10.24 -12.22
C LYS A 496 -9.70 -11.22 -12.29
N ASP A 497 -9.01 -11.30 -13.43
CA ASP A 497 -7.88 -12.20 -13.53
C ASP A 497 -6.58 -11.63 -13.00
N VAL A 498 -6.57 -10.36 -12.57
CA VAL A 498 -5.37 -9.78 -11.99
C VAL A 498 -5.60 -9.29 -10.56
N ILE A 499 -6.78 -9.51 -9.99
CA ILE A 499 -7.08 -9.24 -8.60
C ILE A 499 -7.24 -10.57 -7.87
N LEU A 500 -6.53 -10.75 -6.75
CA LEU A 500 -6.52 -12.06 -6.12
C LEU A 500 -7.92 -12.48 -5.69
N PHE A 501 -8.65 -11.57 -5.05
CA PHE A 501 -9.98 -11.87 -4.51
C PHE A 501 -10.95 -10.84 -5.04
N PRO A 502 -11.37 -10.94 -6.30
CA PRO A 502 -12.36 -10.00 -6.82
C PRO A 502 -13.68 -10.16 -6.07
N THR A 503 -14.36 -9.03 -5.86
CA THR A 503 -15.63 -9.02 -5.14
C THR A 503 -16.73 -9.60 -6.02
N MET A 504 -17.16 -10.81 -5.69
CA MET A 504 -18.13 -11.56 -6.48
C MET A 504 -19.53 -11.40 -5.88
N ARG A 505 -20.53 -11.72 -6.68
CA ARG A 505 -21.87 -11.86 -6.15
C ARG A 505 -21.93 -13.09 -5.26
N PRO A 506 -22.39 -12.97 -4.02
CA PRO A 506 -22.40 -14.15 -3.12
C PRO A 506 -23.45 -15.18 -3.51
N ALA A 507 -22.99 -16.31 -4.04
CA ALA A 507 -23.91 -17.38 -4.43
C ALA A 507 -24.41 -18.13 -3.21
N VAL B 3 -1.62 43.34 9.85
CA VAL B 3 -1.84 42.47 10.99
C VAL B 3 -2.96 41.46 10.69
N ASP B 4 -4.10 41.96 10.22
CA ASP B 4 -5.28 41.11 10.05
C ASP B 4 -5.03 40.07 8.96
N PRO B 5 -5.27 38.78 9.24
CA PRO B 5 -5.24 37.79 8.16
C PRO B 5 -6.21 38.09 7.03
N ARG B 6 -7.43 38.53 7.34
CA ARG B 6 -8.43 38.68 6.30
C ARG B 6 -8.05 39.81 5.33
N LEU B 7 -7.69 40.97 5.88
CA LEU B 7 -7.28 42.10 5.04
C LEU B 7 -6.05 41.75 4.21
N TYR B 8 -5.08 41.07 4.83
CA TYR B 8 -3.89 40.64 4.09
C TYR B 8 -4.25 39.79 2.89
N PHE B 9 -5.19 38.85 3.07
CA PHE B 9 -5.62 38.00 1.95
C PHE B 9 -6.32 38.81 0.87
N GLU B 10 -7.16 39.77 1.27
CA GLU B 10 -7.84 40.62 0.30
C GLU B 10 -6.85 41.46 -0.50
N ASN B 11 -5.88 42.07 0.17
CA ASN B 11 -4.88 42.85 -0.56
C ASN B 11 -4.12 41.98 -1.55
N ARG B 12 -3.70 40.79 -1.10
CA ARG B 12 -2.94 39.91 -1.98
C ARG B 12 -3.80 39.46 -3.16
N SER B 13 -5.08 39.19 -2.92
CA SER B 13 -5.99 38.81 -3.99
C SER B 13 -6.15 39.94 -5.00
N LYS B 14 -6.35 41.17 -4.50
CA LYS B 14 -6.43 42.33 -5.37
C LYS B 14 -5.14 42.50 -6.16
N PHE B 15 -4.01 42.22 -5.53
CA PHE B 15 -2.71 42.31 -6.21
C PHE B 15 -2.63 41.31 -7.35
N ILE B 16 -3.17 40.09 -7.15
CA ILE B 16 -3.14 39.07 -8.20
C ILE B 16 -3.91 39.55 -9.42
N GLN B 17 -5.14 40.04 -9.20
CA GLN B 17 -5.92 40.58 -10.31
C GLN B 17 -5.24 41.77 -10.96
N ASP B 18 -4.66 42.66 -10.15
CA ASP B 18 -4.00 43.83 -10.71
C ASP B 18 -2.79 43.42 -11.55
N GLN B 19 -2.09 42.38 -11.14
CA GLN B 19 -1.02 41.84 -11.96
C GLN B 19 -1.54 41.29 -13.28
N LYS B 20 -2.68 40.59 -13.24
CA LYS B 20 -3.29 40.08 -14.45
C LYS B 20 -3.71 41.21 -15.39
N ASP B 21 -4.29 42.28 -14.83
CA ASP B 21 -4.74 43.38 -15.67
C ASP B 21 -3.58 44.08 -16.35
N LYS B 22 -2.39 44.05 -15.75
CA LYS B 22 -1.21 44.64 -16.38
C LYS B 22 -0.53 43.71 -17.38
N GLY B 23 -1.05 42.49 -17.56
CA GLY B 23 -0.48 41.58 -18.54
C GLY B 23 0.58 40.63 -18.03
N ILE B 24 0.86 40.60 -16.72
CA ILE B 24 1.76 39.61 -16.15
C ILE B 24 0.95 38.43 -15.66
N ASN B 25 1.38 37.20 -16.01
CA ASN B 25 0.75 36.00 -15.48
C ASN B 25 1.42 35.68 -14.15
N PRO B 26 0.74 35.89 -13.02
CA PRO B 26 1.38 35.58 -11.73
C PRO B 26 1.44 34.09 -11.41
N TYR B 27 0.88 33.23 -12.27
CA TYR B 27 1.01 31.77 -12.13
C TYR B 27 1.52 31.19 -13.45
N PRO B 28 2.80 31.40 -13.78
CA PRO B 28 3.33 30.88 -15.03
C PRO B 28 3.29 29.35 -15.10
N HIS B 29 3.30 28.83 -16.33
CA HIS B 29 3.08 27.40 -16.53
C HIS B 29 4.30 26.58 -16.17
N LYS B 30 5.49 27.05 -16.53
CA LYS B 30 6.68 26.21 -16.43
C LYS B 30 7.91 27.07 -16.23
N PHE B 31 8.69 26.76 -15.20
CA PHE B 31 10.01 27.33 -14.97
C PHE B 31 11.00 26.18 -14.99
N GLU B 32 11.99 26.26 -15.87
CA GLU B 32 12.91 25.14 -16.11
C GLU B 32 14.07 25.27 -15.14
N ARG B 33 14.02 24.49 -14.07
CA ARG B 33 14.97 24.59 -12.97
C ARG B 33 16.26 23.84 -13.31
N THR B 34 17.38 24.42 -12.93
CA THR B 34 18.68 23.84 -13.24
C THR B 34 19.17 22.92 -12.12
N ILE B 35 18.81 23.22 -10.89
CA ILE B 35 19.41 22.58 -9.73
C ILE B 35 18.44 22.72 -8.57
N SER B 36 18.38 21.69 -7.73
CA SER B 36 17.57 21.79 -6.52
C SER B 36 18.35 22.51 -5.43
N ILE B 37 17.63 22.97 -4.41
CA ILE B 37 18.28 23.65 -3.30
C ILE B 37 19.27 22.75 -2.56
N PRO B 38 18.93 21.50 -2.19
CA PRO B 38 19.96 20.64 -1.58
C PRO B 38 21.14 20.37 -2.49
N GLU B 39 20.93 20.22 -3.80
CA GLU B 39 22.05 20.09 -4.74
C GLU B 39 22.89 21.37 -4.76
N PHE B 40 22.24 22.53 -4.69
CA PHE B 40 22.96 23.80 -4.64
C PHE B 40 23.85 23.87 -3.39
N ILE B 41 23.33 23.44 -2.24
CA ILE B 41 24.14 23.46 -1.03
C ILE B 41 25.32 22.51 -1.14
N GLU B 42 25.08 21.29 -1.63
CA GLU B 42 26.15 20.32 -1.73
C GLU B 42 27.25 20.79 -2.68
N LYS B 43 26.87 21.43 -3.79
CA LYS B 43 27.86 21.81 -4.80
C LYS B 43 28.72 22.99 -4.35
N TYR B 44 28.11 23.97 -3.69
CA TYR B 44 28.77 25.24 -3.42
C TYR B 44 29.03 25.48 -1.94
N LYS B 45 28.83 24.47 -1.08
CA LYS B 45 29.13 24.63 0.34
C LYS B 45 30.60 24.93 0.57
N ASP B 46 31.48 24.26 -0.18
CA ASP B 46 32.91 24.39 -0.02
C ASP B 46 33.48 25.67 -0.62
N LEU B 47 32.63 26.59 -1.08
CA LEU B 47 33.12 27.86 -1.62
C LEU B 47 33.70 28.72 -0.50
N GLY B 48 34.67 29.57 -0.88
CA GLY B 48 35.26 30.49 0.08
C GLY B 48 34.37 31.71 0.30
N ASN B 49 34.49 32.27 1.50
CA ASN B 49 33.68 33.43 1.86
C ASN B 49 33.93 34.59 0.90
N GLY B 50 32.85 35.13 0.34
CA GLY B 50 32.93 36.22 -0.60
C GLY B 50 33.12 35.80 -2.05
N GLU B 51 33.50 34.55 -2.30
CA GLU B 51 33.69 34.11 -3.67
C GLU B 51 32.37 34.11 -4.43
N HIS B 52 32.41 34.61 -5.66
CA HIS B 52 31.31 34.49 -6.60
C HIS B 52 31.77 33.61 -7.77
N LEU B 53 30.80 33.01 -8.45
CA LEU B 53 31.05 32.29 -9.71
C LEU B 53 30.04 32.85 -10.70
N GLU B 54 30.34 34.01 -11.28
CA GLU B 54 29.38 34.65 -12.19
C GLU B 54 29.43 34.05 -13.58
N ASP B 55 30.43 33.22 -13.87
CA ASP B 55 30.45 32.40 -15.07
C ASP B 55 29.38 31.31 -15.06
N THR B 56 28.75 31.06 -13.92
CA THR B 56 27.73 30.01 -13.79
C THR B 56 26.40 30.66 -13.49
N ILE B 57 25.52 30.70 -14.49
CA ILE B 57 24.14 31.13 -14.31
C ILE B 57 23.29 29.89 -14.03
N LEU B 58 22.45 29.97 -13.01
CA LEU B 58 21.66 28.85 -12.53
C LEU B 58 20.20 29.26 -12.45
N ASN B 59 19.31 28.30 -12.73
CA ASN B 59 17.89 28.46 -12.52
C ASN B 59 17.50 27.64 -11.30
N ILE B 60 16.92 28.30 -10.30
CA ILE B 60 16.60 27.66 -9.03
C ILE B 60 15.22 28.16 -8.61
N THR B 61 14.53 27.33 -7.84
CA THR B 61 13.19 27.62 -7.36
C THR B 61 13.12 27.34 -5.86
N GLY B 62 12.15 27.96 -5.19
CA GLY B 62 11.92 27.63 -3.80
C GLY B 62 10.82 28.51 -3.25
N ARG B 63 10.59 28.39 -1.94
CA ARG B 63 9.62 29.22 -1.24
C ARG B 63 10.35 30.26 -0.40
N ILE B 64 10.00 31.53 -0.59
CA ILE B 64 10.53 32.60 0.26
C ILE B 64 9.95 32.49 1.66
N MET B 65 10.83 32.48 2.67
CA MET B 65 10.40 32.37 4.05
C MET B 65 10.84 33.54 4.93
N ARG B 66 11.62 34.48 4.40
CA ARG B 66 12.06 35.65 5.16
C ARG B 66 12.34 36.78 4.18
N VAL B 67 12.01 38.00 4.57
CA VAL B 67 12.17 39.17 3.72
C VAL B 67 12.83 40.29 4.54
N SER B 68 13.87 40.90 3.98
CA SER B 68 14.51 42.08 4.58
C SER B 68 15.23 42.86 3.48
N ALA B 69 15.87 43.96 3.88
CA ALA B 69 16.61 44.77 2.92
C ALA B 69 17.61 45.65 3.66
N SER B 70 18.71 45.97 2.97
CA SER B 70 19.71 46.93 3.45
C SER B 70 19.73 48.08 2.45
N GLY B 71 18.85 49.05 2.65
CA GLY B 71 18.63 50.10 1.68
C GLY B 71 17.74 49.63 0.55
N GLN B 72 17.36 50.59 -0.30
CA GLN B 72 16.58 50.24 -1.49
C GLN B 72 17.39 49.40 -2.48
N LYS B 73 18.72 49.40 -2.36
CA LYS B 73 19.58 48.79 -3.36
C LYS B 73 19.82 47.30 -3.11
N LEU B 74 19.72 46.83 -1.87
CA LEU B 74 20.04 45.45 -1.52
C LEU B 74 18.84 44.78 -0.86
N ARG B 75 18.48 43.59 -1.35
CA ARG B 75 17.36 42.82 -0.82
C ARG B 75 17.82 41.42 -0.44
N PHE B 76 17.37 40.96 0.72
CA PHE B 76 17.76 39.67 1.27
C PHE B 76 16.51 38.80 1.48
N PHE B 77 16.64 37.51 1.20
CA PHE B 77 15.53 36.57 1.41
C PHE B 77 16.08 35.23 1.89
N ASP B 78 15.25 34.52 2.66
CA ASP B 78 15.42 33.10 2.89
C ASP B 78 14.62 32.32 1.87
N LEU B 79 15.27 31.37 1.19
CA LEU B 79 14.62 30.51 0.20
C LEU B 79 14.74 29.05 0.63
N VAL B 80 13.59 28.35 0.75
CA VAL B 80 13.61 26.97 1.27
C VAL B 80 13.06 26.03 0.21
N GLY B 81 13.60 24.80 0.21
CA GLY B 81 13.14 23.72 -0.63
C GLY B 81 13.64 22.39 -0.14
N ASP B 82 12.79 21.36 -0.14
CA ASP B 82 13.18 20.01 0.30
C ASP B 82 13.80 20.04 1.69
N GLY B 83 13.24 20.86 2.57
CA GLY B 83 13.72 20.92 3.93
C GLY B 83 15.04 21.64 4.14
N GLU B 84 15.61 22.27 3.12
CA GLU B 84 16.88 22.95 3.23
C GLU B 84 16.73 24.41 2.80
N LYS B 85 17.72 25.23 3.13
CA LYS B 85 17.56 26.68 2.97
C LYS B 85 18.84 27.32 2.47
N ILE B 86 18.69 28.31 1.57
CA ILE B 86 19.78 29.21 1.22
C ILE B 86 19.29 30.65 1.35
N GLN B 87 20.23 31.57 1.29
CA GLN B 87 19.92 32.99 1.26
C GLN B 87 19.82 33.46 -0.19
N VAL B 88 18.93 34.41 -0.43
CA VAL B 88 18.87 35.12 -1.70
C VAL B 88 19.38 36.53 -1.45
N LEU B 89 20.30 36.99 -2.31
CA LEU B 89 20.93 38.32 -2.18
C LEU B 89 20.73 39.07 -3.49
N ALA B 90 19.71 39.90 -3.56
CA ALA B 90 19.36 40.62 -4.78
C ALA B 90 20.04 41.99 -4.76
N ASN B 91 21.00 42.18 -5.67
CA ASN B 91 21.81 43.39 -5.72
C ASN B 91 21.50 44.14 -7.02
N TYR B 92 21.31 45.46 -6.90
CA TYR B 92 21.01 46.29 -8.06
C TYR B 92 22.05 46.12 -9.16
N SER B 93 23.31 45.86 -8.79
CA SER B 93 24.40 45.81 -9.77
C SER B 93 24.23 44.63 -10.73
N PHE B 94 23.82 43.48 -10.22
CA PHE B 94 23.68 42.29 -11.06
C PHE B 94 22.28 42.13 -11.64
N HIS B 95 21.34 42.99 -11.27
CA HIS B 95 19.97 42.87 -11.75
C HIS B 95 19.88 43.17 -13.25
N ASN B 96 19.16 42.31 -13.97
CA ASN B 96 18.88 42.49 -15.39
C ASN B 96 17.77 43.54 -15.50
N HIS B 97 18.18 44.80 -15.71
CA HIS B 97 17.22 45.90 -15.78
C HIS B 97 16.32 45.83 -17.01
N GLU B 98 16.77 45.15 -18.07
CA GLU B 98 15.97 45.08 -19.29
C GLU B 98 14.67 44.32 -19.09
N LYS B 99 14.53 43.56 -17.99
CA LYS B 99 13.33 42.79 -17.76
C LYS B 99 12.42 43.40 -16.70
N GLY B 100 12.71 44.59 -16.21
CA GLY B 100 11.81 45.24 -15.28
C GLY B 100 12.53 46.04 -14.22
N ASN B 101 11.79 46.84 -13.44
CA ASN B 101 12.41 47.69 -12.44
C ASN B 101 12.83 46.85 -11.24
N PHE B 102 14.10 46.95 -10.86
CA PHE B 102 14.62 46.24 -9.70
C PHE B 102 13.72 46.44 -8.49
N ALA B 103 13.59 47.68 -8.05
CA ALA B 103 12.78 47.97 -6.86
C ALA B 103 11.37 47.43 -7.01
N GLU B 104 10.78 47.58 -8.19
CA GLU B 104 9.39 47.17 -8.37
C GLU B 104 9.26 45.64 -8.36
N CYS B 105 10.29 44.92 -8.81
CA CYS B 105 10.23 43.47 -8.82
C CYS B 105 10.25 42.90 -7.41
N TYR B 106 11.11 43.43 -6.54
CA TYR B 106 11.35 42.85 -5.23
C TYR B 106 10.49 43.43 -4.13
N ASP B 107 9.91 44.61 -4.33
CA ASP B 107 8.94 45.16 -3.37
C ASP B 107 7.73 44.25 -3.22
N LYS B 108 7.43 43.48 -4.26
CA LYS B 108 6.20 42.70 -4.37
C LYS B 108 6.28 41.34 -3.70
N ILE B 109 7.49 40.82 -3.48
CA ILE B 109 7.66 39.46 -2.95
C ILE B 109 7.31 39.43 -1.46
N ARG B 110 6.54 38.42 -1.07
CA ARG B 110 6.10 38.25 0.31
C ARG B 110 6.51 36.89 0.84
N ARG B 111 6.58 36.80 2.18
CA ARG B 111 6.84 35.52 2.83
C ARG B 111 5.84 34.48 2.35
N GLY B 112 6.35 33.32 1.97
CA GLY B 112 5.53 32.27 1.41
C GLY B 112 5.49 32.21 -0.10
N ASP B 113 5.93 33.24 -0.81
CA ASP B 113 5.86 33.21 -2.28
C ASP B 113 6.80 32.15 -2.84
N ILE B 114 6.30 31.39 -3.81
CA ILE B 114 7.12 30.51 -4.61
C ILE B 114 7.72 31.32 -5.76
N VAL B 115 9.04 31.26 -5.92
CA VAL B 115 9.71 32.07 -6.93
C VAL B 115 10.65 31.19 -7.73
N GLY B 116 10.94 31.65 -8.95
CA GLY B 116 12.02 31.10 -9.76
C GLY B 116 13.06 32.20 -9.92
N ILE B 117 14.33 31.81 -9.85
CA ILE B 117 15.43 32.76 -9.79
C ILE B 117 16.47 32.36 -10.83
N VAL B 118 16.85 33.32 -11.66
CA VAL B 118 18.00 33.18 -12.54
C VAL B 118 19.14 33.97 -11.91
N GLY B 119 20.22 33.28 -11.56
CA GLY B 119 21.29 33.96 -10.87
C GLY B 119 22.54 33.10 -10.79
N PHE B 120 23.49 33.58 -10.00
CA PHE B 120 24.76 32.88 -9.87
C PHE B 120 25.04 32.53 -8.41
N PRO B 121 25.80 31.48 -8.14
CA PRO B 121 26.10 31.10 -6.76
C PRO B 121 27.19 31.98 -6.17
N GLY B 122 27.26 31.95 -4.84
CA GLY B 122 28.28 32.69 -4.13
C GLY B 122 28.04 32.76 -2.63
N LYS B 123 29.09 33.07 -1.88
CA LYS B 123 28.98 33.37 -0.46
C LYS B 123 29.12 34.87 -0.26
N SER B 124 28.45 35.39 0.78
CA SER B 124 28.64 36.79 1.10
C SER B 124 29.98 36.98 1.80
N LYS B 125 30.31 38.23 2.14
CA LYS B 125 31.52 38.46 2.93
C LYS B 125 31.42 37.76 4.27
N LYS B 126 30.24 37.81 4.90
CA LYS B 126 30.01 37.13 6.17
C LYS B 126 29.97 35.61 6.03
N GLY B 127 29.94 35.08 4.81
CA GLY B 127 30.06 33.65 4.58
C GLY B 127 28.78 32.88 4.33
N GLU B 128 27.65 33.55 4.18
CA GLU B 128 26.37 32.86 4.01
C GLU B 128 26.23 32.44 2.55
N LEU B 129 26.04 31.13 2.33
CA LEU B 129 25.81 30.62 0.98
C LEU B 129 24.55 31.24 0.40
N SER B 130 24.66 31.77 -0.81
CA SER B 130 23.59 32.58 -1.36
C SER B 130 23.49 32.38 -2.86
N ILE B 131 22.29 32.65 -3.38
CA ILE B 131 22.06 32.78 -4.82
C ILE B 131 21.91 34.26 -5.12
N PHE B 132 22.60 34.72 -6.15
CA PHE B 132 22.57 36.14 -6.49
C PHE B 132 21.73 36.28 -7.75
N PRO B 133 20.50 36.78 -7.65
CA PRO B 133 19.63 36.85 -8.84
C PRO B 133 19.94 38.01 -9.77
N LYS B 134 19.89 37.73 -11.06
CA LYS B 134 19.71 38.74 -12.09
C LYS B 134 18.25 38.95 -12.44
N GLU B 135 17.39 37.98 -12.09
CA GLU B 135 15.97 38.07 -12.37
C GLU B 135 15.26 37.13 -11.40
N THR B 136 14.18 37.62 -10.81
CA THR B 136 13.31 36.80 -9.97
C THR B 136 11.88 36.90 -10.49
N ILE B 137 11.25 35.74 -10.68
CA ILE B 137 9.90 35.64 -11.20
C ILE B 137 9.01 35.01 -10.14
N LEU B 138 7.87 35.62 -9.88
CA LEU B 138 6.90 34.97 -9.00
C LEU B 138 6.24 33.81 -9.74
N LEU B 139 6.24 32.63 -9.11
CA LEU B 139 5.62 31.43 -9.69
C LEU B 139 4.29 31.09 -9.05
N SER B 140 4.14 31.32 -7.76
CA SER B 140 2.86 31.13 -7.08
C SER B 140 2.89 31.94 -5.80
N ALA B 141 1.91 32.81 -5.61
CA ALA B 141 1.88 33.67 -4.42
C ALA B 141 1.26 32.94 -3.24
N CYS B 142 1.77 33.22 -2.04
CA CYS B 142 1.09 32.82 -0.81
C CYS B 142 0.15 33.96 -0.44
N LEU B 143 -1.16 33.71 -0.50
CA LEU B 143 -2.11 34.78 -0.31
C LEU B 143 -2.49 35.00 1.15
N HIS B 144 -2.19 34.06 2.04
CA HIS B 144 -2.40 34.25 3.47
C HIS B 144 -1.07 34.58 4.15
N MET B 145 -1.17 35.09 5.38
CA MET B 145 0.02 35.23 6.20
C MET B 145 0.45 33.86 6.71
N LEU B 146 1.73 33.55 6.55
CA LEU B 146 2.28 32.29 7.04
C LEU B 146 2.70 32.48 8.49
N PRO B 147 2.08 31.77 9.44
CA PRO B 147 2.46 31.95 10.85
C PRO B 147 3.88 31.48 11.10
N MET B 148 4.42 31.86 12.26
CA MET B 148 5.71 31.35 12.69
C MET B 148 5.64 30.31 13.80
N LYS B 149 4.65 30.37 14.69
CA LYS B 149 4.73 29.58 15.91
C LYS B 149 3.62 28.53 16.02
N TYR B 150 2.35 28.94 16.02
CA TYR B 150 1.17 28.08 16.33
C TYR B 150 1.44 26.61 16.67
N THR B 155 -3.46 24.97 18.24
CA THR B 155 -2.66 23.75 18.42
C THR B 155 -3.20 22.59 17.57
N GLU B 156 -4.35 22.79 16.92
CA GLU B 156 -4.91 21.81 16.01
C GLU B 156 -4.72 22.21 14.54
N ILE B 157 -4.13 23.38 14.30
CA ILE B 157 -3.75 23.76 12.94
C ILE B 157 -2.83 22.71 12.33
N ARG B 158 -1.97 22.11 13.17
CA ARG B 158 -1.03 21.10 12.68
C ARG B 158 -1.77 19.95 12.01
N TYR B 159 -2.92 19.56 12.56
CA TYR B 159 -3.65 18.42 12.02
C TYR B 159 -4.65 18.82 10.95
N ARG B 160 -5.21 20.03 11.00
CA ARG B 160 -6.19 20.43 10.00
C ARG B 160 -5.56 21.10 8.79
N GLN B 161 -4.37 21.69 8.93
CA GLN B 161 -3.62 22.21 7.78
C GLN B 161 -2.22 21.65 7.92
N ARG B 162 -2.06 20.37 7.58
CA ARG B 162 -0.78 19.72 7.76
C ARG B 162 0.28 20.35 6.89
N TYR B 163 -0.10 20.92 5.74
CA TYR B 163 0.88 21.59 4.90
C TYR B 163 1.54 22.76 5.62
N LEU B 164 0.78 23.50 6.44
CA LEU B 164 1.40 24.57 7.24
C LEU B 164 2.42 24.02 8.23
N ASP B 165 2.05 22.91 8.90
CA ASP B 165 2.95 22.24 9.83
C ASP B 165 4.23 21.81 9.15
N LEU B 166 4.12 21.28 7.92
CA LEU B 166 5.28 20.78 7.20
C LEU B 166 6.19 21.92 6.74
N LEU B 167 5.61 23.09 6.47
CA LEU B 167 6.43 24.23 6.06
C LEU B 167 7.17 24.88 7.22
N ILE B 168 6.52 24.97 8.38
CA ILE B 168 6.98 25.80 9.48
C ILE B 168 7.84 25.05 10.49
N ASN B 169 7.60 23.75 10.68
CA ASN B 169 8.03 23.12 11.93
C ASN B 169 9.33 22.32 11.86
N GLU B 170 9.67 21.75 10.72
CA GLU B 170 10.96 21.13 10.43
C GLU B 170 11.20 19.84 11.21
N SER B 171 10.58 19.71 12.39
CA SER B 171 10.57 18.41 13.03
C SER B 171 9.42 17.58 12.49
N SER B 172 8.37 18.26 12.02
CA SER B 172 7.24 17.56 11.40
C SER B 172 7.69 16.82 10.14
N ARG B 173 8.45 17.49 9.27
CA ARG B 173 9.01 16.80 8.12
C ARG B 173 9.82 15.58 8.52
N HIS B 174 10.66 15.72 9.55
CA HIS B 174 11.53 14.63 9.97
C HIS B 174 10.73 13.44 10.50
N THR B 175 9.62 13.70 11.19
CA THR B 175 8.75 12.61 11.65
C THR B 175 8.21 11.82 10.48
N PHE B 176 7.76 12.51 9.43
CA PHE B 176 7.14 11.77 8.35
C PHE B 176 8.16 11.13 7.42
N VAL B 177 9.37 11.68 7.33
CA VAL B 177 10.46 10.98 6.66
C VAL B 177 10.77 9.68 7.40
N THR B 178 10.80 9.73 8.72
CA THR B 178 11.06 8.53 9.50
C THR B 178 9.98 7.48 9.27
N ARG B 179 8.71 7.90 9.23
CA ARG B 179 7.64 6.95 8.97
C ARG B 179 7.88 6.20 7.66
N THR B 180 8.22 6.91 6.58
CA THR B 180 8.43 6.24 5.30
C THR B 180 9.69 5.36 5.34
N LYS B 181 10.73 5.81 6.05
CA LYS B 181 11.90 4.95 6.25
C LYS B 181 11.55 3.66 6.99
N ILE B 182 10.63 3.73 7.97
CA ILE B 182 10.24 2.52 8.70
C ILE B 182 9.53 1.56 7.76
N ILE B 183 8.58 2.06 6.98
CA ILE B 183 7.86 1.18 6.08
C ILE B 183 8.79 0.62 5.02
N ASN B 184 9.65 1.46 4.44
CA ASN B 184 10.64 0.97 3.47
C ASN B 184 11.49 -0.14 4.06
N PHE B 185 11.97 0.04 5.30
CA PHE B 185 12.80 -0.98 5.95
C PHE B 185 12.04 -2.28 6.09
N LEU B 186 10.78 -2.19 6.52
CA LEU B 186 9.96 -3.38 6.74
C LEU B 186 9.74 -4.12 5.43
N ARG B 187 9.43 -3.40 4.38
CA ARG B 187 9.22 -4.03 3.09
C ARG B 187 10.48 -4.71 2.61
N ASN B 188 11.59 -4.03 2.73
CA ASN B 188 12.87 -4.61 2.30
C ASN B 188 13.26 -5.80 3.17
N PHE B 189 13.00 -5.69 4.48
CA PHE B 189 13.29 -6.78 5.44
C PHE B 189 12.55 -8.05 5.05
N LEU B 190 11.25 -7.93 4.76
CA LEU B 190 10.44 -9.07 4.36
C LEU B 190 10.83 -9.59 2.97
N ASN B 191 11.04 -8.69 2.00
CA ASN B 191 11.40 -9.11 0.65
C ASN B 191 12.73 -9.86 0.63
N GLU B 192 13.70 -9.39 1.40
CA GLU B 192 14.99 -10.07 1.45
C GLU B 192 14.89 -11.47 2.05
N ARG B 193 13.83 -11.76 2.81
CA ARG B 193 13.60 -13.07 3.38
C ARG B 193 12.66 -13.92 2.54
N GLY B 194 12.38 -13.51 1.30
CA GLY B 194 11.57 -14.30 0.41
C GLY B 194 10.08 -14.07 0.49
N PHE B 195 9.63 -13.06 1.22
CA PHE B 195 8.20 -12.84 1.35
C PHE B 195 7.67 -12.12 0.13
N PHE B 196 6.40 -12.40 -0.18
CA PHE B 196 5.76 -11.95 -1.40
C PHE B 196 4.60 -11.03 -1.04
N GLU B 197 4.65 -9.79 -1.53
CA GLU B 197 3.66 -8.80 -1.19
C GLU B 197 2.43 -8.91 -2.08
N VAL B 198 1.24 -8.83 -1.46
CA VAL B 198 -0.04 -8.97 -2.14
C VAL B 198 -1.00 -7.87 -1.67
N GLU B 199 -2.11 -7.76 -2.39
CA GLU B 199 -3.26 -6.95 -1.98
C GLU B 199 -4.49 -7.83 -1.86
N THR B 200 -5.20 -7.71 -0.75
CA THR B 200 -6.44 -8.44 -0.54
C THR B 200 -7.53 -7.40 -0.37
N PRO B 201 -8.82 -7.77 -0.44
CA PRO B 201 -9.85 -6.75 -0.59
C PRO B 201 -10.04 -5.93 0.67
N MET B 202 -10.39 -4.67 0.48
CA MET B 202 -10.64 -3.79 1.60
C MET B 202 -12.07 -3.89 2.09
N MET B 203 -12.98 -4.44 1.27
CA MET B 203 -14.37 -4.64 1.63
C MET B 203 -14.72 -6.11 1.45
N ASN B 204 -15.52 -6.65 2.37
CA ASN B 204 -15.92 -8.05 2.30
C ASN B 204 -17.32 -8.22 2.89
N LEU B 205 -17.85 -9.43 2.73
CA LEU B 205 -19.16 -9.77 3.28
C LEU B 205 -19.13 -10.05 4.77
N ILE B 206 -17.97 -10.36 5.33
CA ILE B 206 -17.78 -10.42 6.77
C ILE B 206 -16.52 -9.65 7.11
N ALA B 207 -16.25 -9.52 8.42
CA ALA B 207 -15.08 -8.80 8.92
C ALA B 207 -14.50 -9.61 10.07
N GLY B 208 -13.52 -10.46 9.76
CA GLY B 208 -12.87 -11.31 10.74
C GLY B 208 -11.36 -11.09 10.76
N GLY B 209 -10.71 -11.79 11.70
CA GLY B 209 -9.30 -11.61 11.94
C GLY B 209 -8.96 -10.76 13.16
N ALA B 210 -9.95 -10.26 13.88
CA ALA B 210 -9.79 -9.51 15.13
C ALA B 210 -11.17 -9.35 15.75
N ASN B 211 -11.25 -8.56 16.82
CA ASN B 211 -12.50 -8.31 17.54
C ASN B 211 -12.76 -6.80 17.59
N ALA B 212 -13.57 -6.29 16.66
CA ALA B 212 -13.84 -4.86 16.58
C ALA B 212 -15.10 -4.58 15.77
N ARG B 213 -15.74 -3.45 16.06
CA ARG B 213 -16.93 -3.05 15.31
C ARG B 213 -16.54 -2.58 13.90
N PRO B 214 -17.37 -2.89 12.89
CA PRO B 214 -17.00 -2.59 11.50
C PRO B 214 -17.51 -1.27 10.94
N PHE B 215 -16.82 -0.77 9.93
CA PHE B 215 -17.43 0.19 9.03
C PHE B 215 -18.30 -0.57 8.02
N ILE B 216 -19.50 -0.05 7.77
CA ILE B 216 -20.45 -0.64 6.84
C ILE B 216 -20.62 0.33 5.68
N THR B 217 -20.64 -0.20 4.45
CA THR B 217 -20.88 0.61 3.26
C THR B 217 -21.76 -0.19 2.32
N HIS B 218 -22.48 0.50 1.46
CA HIS B 218 -23.40 -0.16 0.54
C HIS B 218 -22.78 -0.22 -0.85
N HIS B 219 -22.70 -1.43 -1.41
CA HIS B 219 -22.08 -1.68 -2.70
C HIS B 219 -23.19 -1.64 -3.75
N ASN B 220 -23.17 -0.60 -4.60
CA ASN B 220 -24.32 -0.31 -5.45
C ASN B 220 -24.57 -1.40 -6.49
N ASP B 221 -23.50 -1.95 -7.09
CA ASP B 221 -23.69 -2.92 -8.17
C ASP B 221 -24.14 -4.28 -7.64
N LEU B 222 -23.59 -4.72 -6.51
CA LEU B 222 -24.05 -5.95 -5.88
C LEU B 222 -25.36 -5.75 -5.14
N ASP B 223 -25.75 -4.50 -4.87
CA ASP B 223 -26.86 -4.17 -3.99
C ASP B 223 -26.75 -4.89 -2.65
N LEU B 224 -25.55 -4.83 -2.07
CA LEU B 224 -25.24 -5.47 -0.81
C LEU B 224 -24.56 -4.51 0.13
N ASP B 225 -24.72 -4.78 1.42
CA ASP B 225 -24.02 -4.05 2.45
C ASP B 225 -22.73 -4.80 2.77
N LEU B 226 -21.60 -4.14 2.55
CA LEU B 226 -20.29 -4.75 2.77
C LEU B 226 -19.60 -4.10 3.96
N TYR B 227 -18.53 -4.74 4.42
CA TYR B 227 -17.83 -4.31 5.61
C TYR B 227 -16.37 -4.04 5.25
N LEU B 228 -15.85 -2.92 5.69
CA LEU B 228 -14.41 -2.69 5.59
C LEU B 228 -13.67 -3.70 6.44
N ARG B 229 -12.50 -4.13 5.98
CA ARG B 229 -11.76 -5.15 6.72
C ARG B 229 -11.27 -4.60 8.06
N ILE B 230 -11.33 -5.45 9.09
CA ILE B 230 -10.70 -5.14 10.37
C ILE B 230 -9.29 -5.71 10.45
N ALA B 231 -8.92 -6.61 9.54
CA ALA B 231 -7.61 -7.24 9.51
C ALA B 231 -7.48 -7.90 8.14
N THR B 232 -6.26 -8.29 7.79
CA THR B 232 -6.00 -9.01 6.55
C THR B 232 -5.81 -10.51 6.79
N GLU B 233 -6.05 -10.97 8.01
CA GLU B 233 -5.64 -12.30 8.46
C GLU B 233 -6.24 -13.41 7.58
N LEU B 234 -7.55 -13.37 7.35
CA LEU B 234 -8.21 -14.51 6.70
C LEU B 234 -7.81 -14.64 5.23
N PRO B 235 -7.87 -13.60 4.39
CA PRO B 235 -7.47 -13.84 3.00
C PRO B 235 -6.00 -14.16 2.85
N LEU B 236 -5.11 -13.62 3.71
CA LEU B 236 -3.72 -14.02 3.63
C LEU B 236 -3.52 -15.50 3.96
N LYS B 237 -4.26 -16.02 4.94
CA LYS B 237 -4.11 -17.45 5.21
C LYS B 237 -4.61 -18.28 4.03
N MET B 238 -5.61 -17.78 3.31
CA MET B 238 -6.11 -18.51 2.15
C MET B 238 -5.05 -18.57 1.05
N LEU B 239 -4.20 -17.54 0.96
CA LEU B 239 -3.08 -17.57 0.02
C LEU B 239 -2.00 -18.57 0.45
N ILE B 240 -1.83 -18.79 1.76
CA ILE B 240 -0.93 -19.87 2.19
C ILE B 240 -1.46 -21.21 1.70
N VAL B 241 -2.77 -21.44 1.87
CA VAL B 241 -3.39 -22.64 1.31
C VAL B 241 -3.08 -22.75 -0.17
N GLY B 242 -3.17 -21.63 -0.89
CA GLY B 242 -2.88 -21.60 -2.31
C GLY B 242 -1.43 -21.78 -2.68
N GLY B 243 -0.54 -21.98 -1.70
CA GLY B 243 0.85 -22.24 -1.98
C GLY B 243 1.76 -21.03 -2.02
N ILE B 244 1.29 -19.83 -1.70
CA ILE B 244 2.19 -18.69 -1.53
C ILE B 244 2.67 -18.80 -0.08
N ASP B 245 3.78 -19.52 0.15
CA ASP B 245 4.19 -19.92 1.50
C ASP B 245 4.79 -18.81 2.36
N LYS B 246 5.15 -17.68 1.78
CA LYS B 246 5.61 -16.51 2.53
C LYS B 246 4.93 -15.30 1.92
N VAL B 247 3.95 -14.73 2.62
CA VAL B 247 3.03 -13.75 2.02
C VAL B 247 2.76 -12.65 3.03
N TYR B 248 2.65 -11.40 2.56
CA TYR B 248 2.35 -10.30 3.46
C TYR B 248 1.60 -9.20 2.72
N GLU B 249 0.99 -8.33 3.52
CA GLU B 249 0.31 -7.16 2.98
C GLU B 249 0.59 -5.99 3.91
N ILE B 250 0.85 -4.80 3.35
CA ILE B 250 0.91 -3.57 4.13
C ILE B 250 -0.18 -2.62 3.65
N GLY B 251 -1.12 -2.27 4.52
CA GLY B 251 -2.19 -1.38 4.10
C GLY B 251 -3.10 -1.05 5.25
N LYS B 252 -4.17 -0.33 4.93
CA LYS B 252 -5.06 0.19 5.95
C LYS B 252 -6.09 -0.86 6.35
N VAL B 253 -6.44 -0.84 7.63
CA VAL B 253 -7.56 -1.62 8.16
C VAL B 253 -8.41 -0.67 9.01
N PHE B 254 -9.62 -1.11 9.34
CA PHE B 254 -10.67 -0.20 9.80
C PHE B 254 -11.42 -0.83 10.95
N ARG B 255 -11.44 -0.14 12.09
CA ARG B 255 -12.12 -0.62 13.28
C ARG B 255 -12.93 0.55 13.83
N ASN B 256 -14.27 0.39 13.84
CA ASN B 256 -15.19 1.51 13.98
C ASN B 256 -15.45 1.78 15.48
N GLU B 257 -14.42 2.27 16.16
CA GLU B 257 -14.49 2.47 17.60
C GLU B 257 -13.93 3.83 17.99
N GLY B 258 -13.83 4.09 19.29
CA GLY B 258 -13.46 5.41 19.74
C GLY B 258 -12.01 5.75 19.44
N ILE B 259 -11.77 7.01 19.10
CA ILE B 259 -10.45 7.57 18.89
C ILE B 259 -9.79 7.88 20.23
N ASP B 260 -8.50 7.58 20.35
CA ASP B 260 -7.67 8.14 21.43
C ASP B 260 -6.23 8.19 20.95
N ASN B 261 -5.31 8.50 21.88
CA ASN B 261 -3.94 8.81 21.48
C ASN B 261 -3.21 7.61 20.87
N THR B 262 -3.68 6.38 21.11
CA THR B 262 -3.04 5.21 20.50
C THR B 262 -4.00 4.40 19.64
N HIS B 263 -5.18 4.95 19.30
CA HIS B 263 -6.18 4.24 18.51
C HIS B 263 -6.74 5.19 17.46
N ASN B 264 -6.51 4.87 16.19
CA ASN B 264 -7.22 5.58 15.13
C ASN B 264 -8.09 4.59 14.37
N PRO B 265 -9.33 4.95 14.02
CA PRO B 265 -10.22 3.98 13.37
C PRO B 265 -9.65 3.44 12.08
N GLU B 266 -8.93 4.24 11.30
CA GLU B 266 -8.22 3.70 10.15
C GLU B 266 -6.74 3.77 10.48
N PHE B 267 -6.06 2.62 10.37
CA PHE B 267 -4.66 2.59 10.74
C PHE B 267 -3.92 1.63 9.82
N THR B 268 -2.60 1.76 9.80
CA THR B 268 -1.76 1.01 8.86
C THR B 268 -1.24 -0.26 9.54
N SER B 269 -1.50 -1.40 8.94
CA SER B 269 -0.99 -2.64 9.49
C SER B 269 -0.14 -3.35 8.45
N CYS B 270 0.80 -4.15 8.93
CA CYS B 270 1.46 -5.16 8.11
C CYS B 270 1.15 -6.50 8.76
N GLU B 271 0.68 -7.46 7.98
CA GLU B 271 0.56 -8.83 8.46
C GLU B 271 1.36 -9.69 7.49
N PHE B 272 2.10 -10.68 8.03
CA PHE B 272 2.74 -11.68 7.19
C PHE B 272 2.38 -13.07 7.68
N TYR B 273 2.40 -14.04 6.77
CA TYR B 273 2.16 -15.44 7.09
C TYR B 273 3.31 -16.26 6.54
N TRP B 274 3.78 -17.22 7.34
CA TRP B 274 5.07 -17.86 7.09
C TRP B 274 4.85 -19.37 7.29
N ALA B 275 4.63 -20.10 6.18
CA ALA B 275 4.39 -21.53 6.28
C ALA B 275 5.60 -22.21 6.88
N TYR B 276 5.33 -23.22 7.72
CA TYR B 276 6.30 -24.06 8.40
C TYR B 276 7.04 -23.33 9.51
N ALA B 277 6.69 -22.08 9.82
CA ALA B 277 7.23 -21.37 10.97
C ALA B 277 6.35 -21.59 12.18
N ASP B 278 6.94 -21.41 13.36
CA ASP B 278 6.10 -21.51 14.53
C ASP B 278 6.34 -20.39 15.51
N TYR B 279 5.77 -20.54 16.71
CA TYR B 279 5.96 -19.62 17.83
C TYR B 279 7.39 -19.08 17.95
N ASN B 280 8.37 -19.97 18.05
CA ASN B 280 9.74 -19.51 18.30
C ASN B 280 10.33 -18.78 17.12
N ASP B 281 9.96 -19.17 15.88
CA ASP B 281 10.40 -18.41 14.72
C ASP B 281 9.83 -17.00 14.75
N LEU B 282 8.61 -16.85 15.24
CA LEU B 282 8.01 -15.53 15.26
C LEU B 282 8.67 -14.66 16.31
N ILE B 283 9.05 -15.25 17.44
CA ILE B 283 9.77 -14.50 18.46
C ILE B 283 11.09 -13.99 17.92
N LYS B 284 11.82 -14.86 17.22
CA LYS B 284 13.13 -14.49 16.69
C LYS B 284 13.00 -13.45 15.59
N TRP B 285 11.98 -13.58 14.74
CA TRP B 285 11.71 -12.57 13.73
C TRP B 285 11.49 -11.20 14.37
N SER B 286 10.69 -11.16 15.42
CA SER B 286 10.37 -9.90 16.08
C SER B 286 11.62 -9.28 16.67
N GLU B 287 12.41 -10.08 17.39
CA GLU B 287 13.65 -9.56 17.98
C GLU B 287 14.63 -9.09 16.91
N ASP B 288 14.78 -9.85 15.82
CA ASP B 288 15.62 -9.43 14.70
C ASP B 288 15.10 -8.14 14.07
N PHE B 289 13.80 -8.09 13.79
CA PHE B 289 13.25 -6.93 13.08
C PHE B 289 13.38 -5.67 13.90
N PHE B 290 12.96 -5.71 15.17
CA PHE B 290 12.98 -4.48 15.96
C PHE B 290 14.40 -4.03 16.26
N SER B 291 15.29 -4.95 16.62
CA SER B 291 16.66 -4.54 16.91
C SER B 291 17.31 -3.94 15.68
N GLN B 292 17.14 -4.58 14.51
CA GLN B 292 17.74 -4.06 13.28
C GLN B 292 17.09 -2.77 12.82
N LEU B 293 15.77 -2.63 13.02
CA LEU B 293 15.11 -1.40 12.60
C LEU B 293 15.62 -0.20 13.41
N VAL B 294 15.74 -0.37 14.72
CA VAL B 294 16.22 0.70 15.58
C VAL B 294 17.66 1.05 15.22
N TYR B 295 18.50 0.04 15.05
CA TYR B 295 19.89 0.29 14.68
C TYR B 295 19.98 1.01 13.34
N HIS B 296 19.17 0.61 12.37
CA HIS B 296 19.16 1.24 11.05
C HIS B 296 18.87 2.74 11.18
N LEU B 297 17.89 3.09 12.01
CA LEU B 297 17.46 4.47 12.17
C LEU B 297 18.45 5.28 12.99
N PHE B 298 19.03 4.68 14.05
CA PHE B 298 19.73 5.45 15.06
C PHE B 298 21.19 5.08 15.27
N GLY B 299 21.66 3.97 14.70
CA GLY B 299 23.02 3.54 14.93
C GLY B 299 23.29 3.07 16.34
N THR B 300 22.24 2.86 17.12
CA THR B 300 22.33 2.34 18.47
C THR B 300 21.04 1.54 18.68
N TYR B 301 21.06 0.67 19.68
CA TYR B 301 19.86 -0.07 20.04
C TYR B 301 19.03 0.63 21.09
N LYS B 302 19.56 1.68 21.69
CA LYS B 302 18.92 2.36 22.80
C LYS B 302 18.36 3.69 22.30
N ILE B 303 17.11 3.97 22.67
CA ILE B 303 16.50 5.23 22.30
C ILE B 303 15.90 5.89 23.54
N SER B 304 15.65 7.18 23.41
CA SER B 304 14.98 7.96 24.42
C SER B 304 13.53 8.17 24.00
N TYR B 305 12.62 8.03 24.94
CA TYR B 305 11.22 8.22 24.64
C TYR B 305 10.55 8.94 25.81
N ASN B 306 9.80 10.01 25.52
CA ASN B 306 9.10 10.76 26.56
C ASN B 306 7.76 10.08 26.81
N LYS B 307 7.80 9.03 27.63
CA LYS B 307 6.62 8.24 27.90
C LYS B 307 5.50 9.07 28.53
N ASP B 308 5.86 10.07 29.31
CA ASP B 308 4.89 10.93 29.98
C ASP B 308 4.90 12.35 29.43
N GLY B 309 5.34 12.51 28.18
CA GLY B 309 5.32 13.79 27.50
C GLY B 309 6.57 14.63 27.70
N PRO B 310 6.69 15.72 26.94
CA PRO B 310 7.89 16.57 27.04
C PRO B 310 8.00 17.32 28.35
N GLU B 311 6.94 17.34 29.14
CA GLU B 311 6.97 18.00 30.45
C GLU B 311 7.55 17.12 31.53
N ASN B 312 7.79 15.87 31.19
CA ASN B 312 8.32 14.94 32.15
C ASN B 312 9.54 14.27 31.61
N GLN B 313 10.32 13.68 32.49
CA GLN B 313 11.55 13.05 32.09
C GLN B 313 11.35 11.90 31.11
N PRO B 314 12.30 11.72 30.21
CA PRO B 314 12.20 10.59 29.28
C PRO B 314 12.71 9.32 29.92
N ILE B 315 12.41 8.19 29.27
CA ILE B 315 13.00 6.92 29.65
C ILE B 315 13.85 6.42 28.48
N GLU B 316 14.77 5.54 28.80
CA GLU B 316 15.56 4.88 27.78
C GLU B 316 14.96 3.53 27.49
N ILE B 317 14.68 3.26 26.20
CA ILE B 317 14.18 1.96 25.75
C ILE B 317 15.32 1.26 25.04
N ASP B 318 15.66 0.06 25.50
CA ASP B 318 16.79 -0.70 24.99
C ASP B 318 16.23 -1.84 24.13
N PHE B 319 16.53 -1.81 22.83
CA PHE B 319 16.05 -2.83 21.90
C PHE B 319 17.06 -3.94 21.66
N THR B 320 18.04 -4.11 22.55
CA THR B 320 19.02 -5.19 22.40
C THR B 320 18.33 -6.51 22.67
N PRO B 321 18.31 -7.45 21.73
CA PRO B 321 17.66 -8.75 21.96
C PRO B 321 18.53 -9.62 22.85
N PRO B 322 17.96 -10.63 23.50
CA PRO B 322 16.55 -11.04 23.44
C PRO B 322 15.69 -10.23 24.38
N TYR B 323 14.37 -10.26 24.20
CA TYR B 323 13.43 -9.55 25.06
C TYR B 323 12.76 -10.51 26.04
N PRO B 324 12.33 -10.01 27.20
CA PRO B 324 11.66 -10.90 28.17
C PRO B 324 10.37 -11.48 27.60
N LYS B 325 10.02 -12.67 28.08
CA LYS B 325 8.75 -13.30 27.77
C LYS B 325 7.98 -13.54 29.06
N VAL B 326 6.73 -13.11 29.09
CA VAL B 326 5.91 -13.14 30.30
C VAL B 326 4.62 -13.89 29.98
N SER B 327 4.35 -15.00 30.67
CA SER B 327 3.13 -15.76 30.41
C SER B 327 1.94 -15.06 31.07
N ILE B 328 0.88 -14.81 30.29
CA ILE B 328 -0.18 -13.91 30.76
C ILE B 328 -0.87 -14.46 32.01
N VAL B 329 -1.33 -15.71 31.96
CA VAL B 329 -2.10 -16.22 33.10
C VAL B 329 -1.22 -16.36 34.33
N GLU B 330 -0.05 -16.96 34.18
CA GLU B 330 0.76 -17.17 35.38
C GLU B 330 1.29 -15.85 35.96
N GLU B 331 1.57 -14.84 35.13
CA GLU B 331 1.96 -13.55 35.69
C GLU B 331 0.79 -12.85 36.37
N ILE B 332 -0.43 -12.98 35.83
CA ILE B 332 -1.59 -12.39 36.52
C ILE B 332 -1.75 -13.05 37.90
N GLU B 333 -1.69 -14.38 37.93
CA GLU B 333 -1.78 -15.10 39.19
C GLU B 333 -0.72 -14.65 40.17
N LYS B 334 0.54 -14.57 39.73
CA LYS B 334 1.63 -14.12 40.60
C LYS B 334 1.37 -12.72 41.14
N VAL B 335 1.02 -11.77 40.27
CA VAL B 335 0.89 -10.38 40.70
C VAL B 335 -0.33 -10.20 41.61
N THR B 336 -1.41 -10.92 41.34
CA THR B 336 -2.63 -10.79 42.14
C THR B 336 -2.71 -11.82 43.26
N ASN B 337 -1.71 -12.69 43.39
CA ASN B 337 -1.71 -13.81 44.33
C ASN B 337 -3.04 -14.56 44.35
N THR B 338 -3.55 -14.91 43.17
CA THR B 338 -4.71 -15.78 43.07
C THR B 338 -4.36 -16.95 42.14
N ILE B 339 -5.32 -17.85 41.94
CA ILE B 339 -5.21 -18.90 40.94
C ILE B 339 -6.51 -18.93 40.17
N LEU B 340 -6.42 -18.79 38.84
CA LEU B 340 -7.59 -18.75 37.97
C LEU B 340 -7.75 -20.11 37.30
N GLU B 341 -8.49 -21.00 37.96
CA GLU B 341 -8.60 -22.39 37.50
C GLU B 341 -9.33 -22.46 36.17
N GLN B 342 -8.87 -23.35 35.31
CA GLN B 342 -9.55 -23.59 34.05
C GLN B 342 -10.78 -24.47 34.26
N PRO B 343 -11.82 -24.30 33.43
CA PRO B 343 -11.93 -23.34 32.32
C PRO B 343 -12.09 -21.90 32.81
N PHE B 344 -11.54 -20.95 32.06
CA PHE B 344 -11.52 -19.56 32.49
C PHE B 344 -12.90 -18.93 32.47
N ASP B 345 -13.84 -19.47 31.69
CA ASP B 345 -15.22 -19.03 31.69
C ASP B 345 -16.10 -19.81 32.66
N SER B 346 -15.50 -20.56 33.58
CA SER B 346 -16.29 -21.14 34.66
C SER B 346 -16.90 -20.02 35.49
N ASN B 347 -18.05 -20.31 36.12
CA ASN B 347 -18.70 -19.31 36.96
C ASN B 347 -17.81 -18.91 38.13
N GLU B 348 -17.03 -19.85 38.65
CA GLU B 348 -16.15 -19.56 39.77
C GLU B 348 -15.01 -18.63 39.34
N THR B 349 -14.41 -18.86 38.17
CA THR B 349 -13.26 -18.07 37.78
C THR B 349 -13.68 -16.67 37.30
N ILE B 350 -14.84 -16.57 36.64
CA ILE B 350 -15.39 -15.25 36.32
C ILE B 350 -15.57 -14.44 37.60
N GLU B 351 -16.20 -15.05 38.60
CA GLU B 351 -16.45 -14.33 39.85
C GLU B 351 -15.13 -13.94 40.52
N LYS B 352 -14.14 -14.83 40.48
CA LYS B 352 -12.83 -14.50 41.02
C LYS B 352 -12.19 -13.34 40.27
N MET B 353 -12.25 -13.36 38.94
CA MET B 353 -11.67 -12.25 38.17
C MET B 353 -12.43 -10.95 38.40
N ILE B 354 -13.75 -11.02 38.45
CA ILE B 354 -14.56 -9.83 38.72
C ILE B 354 -14.20 -9.26 40.08
N ASN B 355 -13.95 -10.13 41.06
CA ASN B 355 -13.63 -9.66 42.41
C ASN B 355 -12.27 -8.97 42.47
N ILE B 356 -11.27 -9.48 41.74
CA ILE B 356 -9.99 -8.78 41.68
C ILE B 356 -10.20 -7.38 41.11
N ILE B 357 -10.99 -7.27 40.06
CA ILE B 357 -11.24 -5.97 39.44
C ILE B 357 -12.02 -5.06 40.37
N LYS B 358 -13.06 -5.57 41.00
CA LYS B 358 -13.80 -4.78 41.98
C LYS B 358 -12.91 -4.39 43.15
N GLU B 359 -12.11 -5.29 43.67
CA GLU B 359 -11.30 -4.95 44.80
C GLU B 359 -10.32 -3.84 44.48
N HIS B 360 -9.71 -3.88 43.30
CA HIS B 360 -8.73 -2.86 42.96
C HIS B 360 -9.37 -1.59 42.40
N LYS B 361 -10.70 -1.50 42.37
CA LYS B 361 -11.40 -0.35 41.82
C LYS B 361 -11.01 -0.11 40.37
N ILE B 362 -10.83 -1.21 39.64
CA ILE B 362 -10.53 -1.13 38.23
C ILE B 362 -11.85 -1.16 37.51
N GLU B 363 -11.87 -0.71 36.27
CA GLU B 363 -13.13 -0.59 35.55
C GLU B 363 -13.61 -1.95 35.08
N LEU B 364 -14.87 -2.26 35.38
CA LEU B 364 -15.45 -3.54 34.99
C LEU B 364 -15.86 -3.50 33.53
N PRO B 365 -15.35 -4.40 32.69
CA PRO B 365 -15.76 -4.41 31.28
C PRO B 365 -17.20 -4.89 31.11
N ASN B 366 -17.91 -4.26 30.17
CA ASN B 366 -19.26 -4.64 29.79
C ASN B 366 -19.25 -5.19 28.38
N PRO B 367 -19.58 -6.46 28.16
CA PRO B 367 -20.00 -7.46 29.16
C PRO B 367 -18.81 -7.99 29.93
N PRO B 368 -19.04 -8.51 31.14
CA PRO B 368 -17.94 -9.11 31.92
C PRO B 368 -17.60 -10.51 31.43
N THR B 369 -17.19 -10.60 30.17
CA THR B 369 -16.87 -11.88 29.58
C THR B 369 -15.48 -12.32 30.02
N ALA B 370 -15.24 -13.63 29.93
CA ALA B 370 -13.98 -14.18 30.43
C ALA B 370 -12.78 -13.59 29.69
N ALA B 371 -12.90 -13.45 28.35
CA ALA B 371 -11.80 -12.85 27.59
C ALA B 371 -11.57 -11.40 27.98
N LYS B 372 -12.65 -10.62 28.13
CA LYS B 372 -12.49 -9.20 28.43
C LYS B 372 -11.95 -9.00 29.84
N LEU B 373 -12.37 -9.87 30.78
CA LEU B 373 -11.84 -9.76 32.15
C LEU B 373 -10.35 -10.08 32.17
N LEU B 374 -9.94 -11.11 31.43
CA LEU B 374 -8.51 -11.44 31.36
C LEU B 374 -7.73 -10.29 30.75
N ASP B 375 -8.27 -9.68 29.70
CA ASP B 375 -7.56 -8.58 29.06
C ASP B 375 -7.46 -7.37 29.97
N GLN B 376 -8.53 -7.06 30.71
CA GLN B 376 -8.44 -5.96 31.68
C GLN B 376 -7.41 -6.27 32.76
N LEU B 377 -7.37 -7.51 33.25
CA LEU B 377 -6.41 -7.84 34.30
C LEU B 377 -4.98 -7.70 33.80
N ALA B 378 -4.71 -8.15 32.56
CA ALA B 378 -3.38 -7.99 32.00
C ALA B 378 -3.04 -6.53 31.80
N SER B 379 -4.00 -5.73 31.35
CA SER B 379 -3.74 -4.31 31.12
C SER B 379 -3.34 -3.61 32.42
N HIS B 380 -3.91 -4.03 33.54
CA HIS B 380 -3.65 -3.32 34.79
C HIS B 380 -2.49 -3.90 35.59
N PHE B 381 -2.15 -5.17 35.39
CA PHE B 381 -1.17 -5.82 36.24
C PHE B 381 0.08 -6.29 35.52
N ILE B 382 0.10 -6.34 34.19
CA ILE B 382 1.22 -6.96 33.48
C ILE B 382 1.81 -6.00 32.45
N GLU B 383 0.95 -5.30 31.73
CA GLU B 383 1.42 -4.67 30.48
C GLU B 383 2.42 -3.55 30.71
N ASN B 384 2.66 -3.14 31.95
CA ASN B 384 3.76 -2.23 32.22
C ASN B 384 4.84 -2.88 33.08
N LYS B 385 4.98 -4.21 32.98
CA LYS B 385 6.05 -4.88 33.72
C LYS B 385 7.41 -4.34 33.32
N TYR B 386 7.60 -4.01 32.05
CA TYR B 386 8.83 -3.39 31.56
C TYR B 386 8.49 -2.14 30.77
N ASN B 387 9.21 -1.05 31.03
CA ASN B 387 9.36 0.06 30.11
C ASN B 387 10.81 0.23 29.69
N ASP B 388 11.72 -0.44 30.38
CA ASP B 388 13.14 -0.54 30.04
C ASP B 388 13.38 -1.02 28.62
N LYS B 389 12.51 -1.86 28.11
CA LYS B 389 12.81 -2.64 26.93
C LYS B 389 11.47 -3.15 26.43
N PRO B 390 11.33 -3.47 25.15
CA PRO B 390 10.13 -4.18 24.71
C PRO B 390 10.09 -5.53 25.43
N PHE B 391 8.89 -6.10 25.53
CA PHE B 391 8.78 -7.46 26.04
C PHE B 391 7.53 -8.11 25.46
N PHE B 392 7.47 -9.43 25.52
CA PHE B 392 6.35 -10.20 25.01
C PHE B 392 5.49 -10.71 26.17
N ILE B 393 4.19 -10.55 26.02
CA ILE B 393 3.22 -11.33 26.77
C ILE B 393 2.83 -12.53 25.91
N VAL B 394 2.90 -13.74 26.48
CA VAL B 394 2.79 -14.97 25.69
C VAL B 394 1.76 -15.92 26.29
N GLU B 395 1.38 -16.92 25.49
CA GLU B 395 0.63 -18.09 25.90
C GLU B 395 -0.79 -17.74 26.35
N HIS B 396 -1.44 -16.87 25.59
CA HIS B 396 -2.80 -16.46 25.90
C HIS B 396 -3.77 -17.64 25.88
N PRO B 397 -4.76 -17.66 26.78
CA PRO B 397 -5.78 -18.70 26.75
C PRO B 397 -6.48 -18.78 25.40
N GLN B 398 -6.91 -20.01 25.08
CA GLN B 398 -7.63 -20.27 23.84
C GLN B 398 -8.85 -19.39 23.74
N ILE B 399 -9.55 -19.16 24.87
CA ILE B 399 -10.76 -18.34 24.81
C ILE B 399 -10.47 -16.88 24.43
N MET B 400 -9.23 -16.43 24.53
CA MET B 400 -8.87 -15.11 23.99
C MET B 400 -8.37 -15.17 22.54
N SER B 401 -8.23 -16.37 21.97
CA SER B 401 -7.39 -16.53 20.79
C SER B 401 -7.96 -17.60 19.86
N PRO B 402 -9.16 -17.39 19.29
CA PRO B 402 -9.85 -18.49 18.57
C PRO B 402 -9.19 -18.90 17.27
N LEU B 403 -8.19 -18.17 16.77
CA LEU B 403 -7.51 -18.56 15.55
C LEU B 403 -6.08 -19.00 15.80
N ALA B 404 -5.65 -19.06 17.06
CA ALA B 404 -4.30 -19.48 17.40
C ALA B 404 -4.28 -20.97 17.75
N LYS B 405 -3.21 -21.64 17.34
CA LYS B 405 -3.08 -23.07 17.59
C LYS B 405 -2.92 -23.36 19.10
N TYR B 406 -3.53 -24.45 19.55
CA TYR B 406 -3.40 -24.87 20.96
C TYR B 406 -1.93 -25.00 21.34
N HIS B 407 -1.60 -24.61 22.58
CA HIS B 407 -0.26 -24.76 23.09
C HIS B 407 0.11 -26.24 23.20
N ARG B 408 1.33 -26.59 22.77
CA ARG B 408 1.64 -28.01 22.64
C ARG B 408 1.92 -28.70 23.96
N THR B 409 2.09 -27.97 25.08
CA THR B 409 2.28 -28.61 26.38
C THR B 409 1.42 -28.06 27.50
N LYS B 410 0.84 -26.87 27.38
CA LYS B 410 0.07 -26.27 28.48
C LYS B 410 -1.39 -26.28 28.11
N PRO B 411 -2.24 -26.99 28.87
CA PRO B 411 -3.65 -27.08 28.47
C PRO B 411 -4.35 -25.73 28.52
N GLY B 412 -5.29 -25.52 27.61
CA GLY B 412 -6.12 -24.33 27.61
C GLY B 412 -5.48 -23.08 27.06
N LEU B 413 -4.19 -23.12 26.71
CA LEU B 413 -3.45 -21.98 26.20
C LEU B 413 -3.15 -22.16 24.70
N THR B 414 -2.54 -21.12 24.12
CA THR B 414 -2.14 -21.09 22.72
C THR B 414 -0.68 -20.66 22.61
N GLU B 415 -0.13 -20.75 21.41
CA GLU B 415 1.23 -20.29 21.15
C GLU B 415 1.16 -18.90 20.53
N ARG B 416 0.75 -17.96 21.36
CA ARG B 416 0.54 -16.58 21.00
C ARG B 416 1.57 -15.70 21.70
N LEU B 417 1.86 -14.57 21.06
CA LEU B 417 2.79 -13.60 21.60
C LEU B 417 2.33 -12.20 21.18
N GLU B 418 2.44 -11.27 22.11
CA GLU B 418 2.15 -9.87 21.87
C GLU B 418 3.37 -9.12 22.37
N MET B 419 3.93 -8.23 21.55
CA MET B 419 5.00 -7.36 22.01
C MET B 419 4.46 -6.01 22.46
N PHE B 420 4.99 -5.53 23.58
CA PHE B 420 4.59 -4.24 24.15
C PHE B 420 5.82 -3.34 24.23
N ILE B 421 5.61 -2.05 23.97
CA ILE B 421 6.58 -1.00 24.23
C ILE B 421 5.86 0.02 25.11
N CYS B 422 6.39 0.28 26.30
CA CYS B 422 5.82 1.33 27.16
C CYS B 422 4.34 1.13 27.39
N GLY B 423 3.95 -0.12 27.63
CA GLY B 423 2.57 -0.46 27.91
C GLY B 423 1.65 -0.48 26.71
N LYS B 424 2.16 -0.36 25.47
CA LYS B 424 1.29 -0.38 24.30
C LYS B 424 1.65 -1.56 23.40
N GLU B 425 0.63 -2.28 22.95
CA GLU B 425 0.87 -3.38 22.02
C GLU B 425 1.24 -2.86 20.63
N VAL B 426 2.25 -3.47 20.01
CA VAL B 426 2.67 -3.06 18.68
C VAL B 426 2.68 -4.26 17.73
N LEU B 427 2.50 -5.46 18.28
CA LEU B 427 2.69 -6.70 17.52
C LEU B 427 1.85 -7.80 18.15
N ASN B 428 1.17 -8.58 17.30
CA ASN B 428 0.38 -9.72 17.74
C ASN B 428 0.67 -10.88 16.79
N ALA B 429 1.01 -12.05 17.33
CA ALA B 429 1.45 -13.14 16.47
C ALA B 429 1.10 -14.48 17.11
N TYR B 430 0.96 -15.50 16.29
CA TYR B 430 0.81 -16.84 16.83
C TYR B 430 1.03 -17.90 15.77
N THR B 431 1.32 -19.13 16.25
CA THR B 431 1.13 -20.33 15.45
C THR B 431 -0.32 -20.40 15.02
N GLU B 432 -0.56 -20.65 13.74
CA GLU B 432 -1.92 -20.59 13.25
C GLU B 432 -2.66 -21.88 13.50
N LEU B 433 -3.87 -21.75 14.00
CA LEU B 433 -4.74 -22.91 14.09
C LEU B 433 -5.05 -23.37 12.67
N ASN B 434 -4.84 -24.65 12.39
CA ASN B 434 -5.03 -25.17 11.04
C ASN B 434 -5.83 -26.45 10.98
N ASP B 435 -6.20 -27.03 12.13
CA ASP B 435 -7.13 -28.15 12.13
C ASP B 435 -8.54 -27.58 12.01
N PRO B 436 -9.21 -27.80 10.88
CA PRO B 436 -10.56 -27.22 10.74
C PRO B 436 -11.54 -27.70 11.78
N PHE B 437 -11.40 -28.95 12.26
CA PHE B 437 -12.32 -29.46 13.26
C PHE B 437 -12.13 -28.80 14.62
N LYS B 438 -10.98 -28.18 14.86
CA LYS B 438 -10.73 -27.48 16.12
C LYS B 438 -11.15 -26.01 16.10
N GLN B 439 -11.55 -25.49 14.96
CA GLN B 439 -12.06 -24.11 14.93
C GLN B 439 -13.57 -24.21 15.15
N LYS B 440 -14.01 -23.87 16.38
CA LYS B 440 -15.40 -24.13 16.75
C LYS B 440 -16.39 -23.32 15.93
N GLU B 441 -16.01 -22.14 15.46
CA GLU B 441 -16.89 -21.37 14.59
C GLU B 441 -17.09 -22.04 13.23
N CYS B 442 -16.17 -22.90 12.81
CA CYS B 442 -16.26 -23.47 11.47
C CYS B 442 -17.30 -24.60 11.41
N PHE B 443 -17.38 -25.42 12.46
CA PHE B 443 -18.40 -26.47 12.48
C PHE B 443 -19.72 -25.94 13.03
N ASP B 461 -16.20 -17.12 8.97
CA ASP B 461 -16.18 -17.03 7.51
C ASP B 461 -16.21 -18.40 6.82
N SER B 462 -17.25 -18.64 6.02
CA SER B 462 -17.36 -19.91 5.30
C SER B 462 -16.22 -20.06 4.28
N ALA B 463 -15.88 -18.98 3.58
CA ALA B 463 -14.77 -19.06 2.62
C ALA B 463 -13.48 -19.48 3.31
N PHE B 464 -13.19 -18.90 4.47
CA PHE B 464 -11.97 -19.26 5.19
C PHE B 464 -12.07 -20.67 5.75
N CYS B 465 -13.23 -21.03 6.31
CA CYS B 465 -13.41 -22.36 6.87
C CYS B 465 -13.29 -23.43 5.79
N THR B 466 -13.86 -23.17 4.61
CA THR B 466 -13.72 -24.10 3.50
C THR B 466 -12.25 -24.26 3.10
N SER B 467 -11.51 -23.14 3.07
CA SER B 467 -10.10 -23.18 2.66
C SER B 467 -9.28 -24.06 3.59
N LEU B 468 -9.59 -24.03 4.89
CA LEU B 468 -8.92 -24.92 5.84
C LEU B 468 -9.11 -26.41 5.46
N GLU B 469 -10.26 -26.78 4.91
CA GLU B 469 -10.51 -28.18 4.56
C GLU B 469 -9.65 -28.65 3.37
N TYR B 470 -9.02 -27.73 2.65
CA TYR B 470 -8.09 -28.08 1.59
C TYR B 470 -6.66 -28.22 2.08
N GLY B 471 -6.40 -27.86 3.34
CA GLY B 471 -5.08 -28.04 3.94
C GLY B 471 -4.26 -26.77 4.04
N LEU B 472 -4.29 -26.15 5.22
CA LEU B 472 -3.36 -25.09 5.56
C LEU B 472 -2.16 -25.73 6.26
N PRO B 473 -0.95 -25.60 5.72
CA PRO B 473 0.20 -26.18 6.39
C PRO B 473 0.37 -25.56 7.76
N PRO B 474 1.12 -26.19 8.68
CA PRO B 474 1.50 -25.46 9.90
C PRO B 474 2.12 -24.14 9.50
N THR B 475 1.64 -23.07 10.11
CA THR B 475 2.05 -21.74 9.73
C THR B 475 2.13 -20.77 10.91
N GLY B 476 2.94 -19.73 10.79
CA GLY B 476 3.01 -18.69 11.80
C GLY B 476 2.62 -17.37 11.17
N GLY B 477 1.77 -16.59 11.83
CA GLY B 477 1.36 -15.30 11.31
C GLY B 477 1.64 -14.19 12.32
N LEU B 478 1.77 -12.97 11.80
CA LEU B 478 2.20 -11.86 12.66
C LEU B 478 1.64 -10.56 12.09
N GLY B 479 1.18 -9.70 12.98
CA GLY B 479 0.73 -8.36 12.59
C GLY B 479 1.42 -7.31 13.42
N LEU B 480 1.79 -6.20 12.77
CA LEU B 480 2.49 -5.09 13.38
C LEU B 480 1.64 -3.84 13.27
N GLY B 481 1.66 -3.00 14.30
CA GLY B 481 0.96 -1.74 14.19
C GLY B 481 1.95 -0.66 13.79
N ILE B 482 1.92 -0.26 12.53
CA ILE B 482 2.96 0.59 11.99
C ILE B 482 2.90 1.99 12.61
N ASP B 483 1.69 2.49 12.84
CA ASP B 483 1.55 3.83 13.42
C ASP B 483 2.13 3.87 14.82
N ARG B 484 1.85 2.85 15.64
CA ARG B 484 2.35 2.91 17.02
C ARG B 484 3.86 2.79 17.02
N ILE B 485 4.41 1.95 16.15
CA ILE B 485 5.87 1.80 16.06
C ILE B 485 6.51 3.12 15.69
N THR B 486 5.89 3.84 14.76
CA THR B 486 6.41 5.13 14.34
C THR B 486 6.36 6.14 15.48
N MET B 487 5.29 6.13 16.27
CA MET B 487 5.19 7.01 17.44
C MET B 487 6.39 6.82 18.37
N PHE B 488 6.70 5.56 18.71
CA PHE B 488 7.82 5.33 19.62
C PHE B 488 9.15 5.74 19.00
N LEU B 489 9.31 5.59 17.69
CA LEU B 489 10.60 5.86 17.07
C LEU B 489 10.74 7.31 16.66
N THR B 490 9.70 8.13 16.83
CA THR B 490 9.76 9.57 16.58
C THR B 490 9.41 10.36 17.84
N ASN B 491 9.31 9.70 18.99
CA ASN B 491 9.07 10.37 20.26
C ASN B 491 7.76 11.14 20.29
N LYS B 492 6.70 10.51 19.83
CA LYS B 492 5.38 11.07 19.85
C LYS B 492 4.53 10.30 20.86
N ASN B 493 3.63 11.03 21.50
CA ASN B 493 2.69 10.45 22.44
C ASN B 493 1.30 10.26 21.87
N SER B 494 1.05 10.77 20.67
CA SER B 494 -0.27 10.69 20.07
C SER B 494 -0.13 10.24 18.63
N ILE B 495 -1.03 9.33 18.23
CA ILE B 495 -1.04 8.79 16.87
C ILE B 495 -1.37 9.88 15.84
N LYS B 496 -2.02 10.97 16.24
CA LYS B 496 -2.26 12.07 15.28
C LYS B 496 -0.97 12.74 14.83
N ASP B 497 0.14 12.56 15.56
CA ASP B 497 1.42 13.15 15.19
C ASP B 497 2.21 12.31 14.19
N VAL B 498 1.77 11.10 13.83
CA VAL B 498 2.48 10.30 12.84
C VAL B 498 1.60 9.95 11.65
N ILE B 499 0.41 10.54 11.58
CA ILE B 499 -0.50 10.38 10.45
C ILE B 499 -0.63 11.75 9.79
N LEU B 500 -0.44 11.80 8.47
CA LEU B 500 -0.39 13.11 7.80
C LEU B 500 -1.71 13.85 7.95
N PHE B 501 -2.82 13.17 7.74
CA PHE B 501 -4.14 13.79 7.82
C PHE B 501 -5.04 12.98 8.74
N PRO B 502 -4.85 13.08 10.04
CA PRO B 502 -5.73 12.33 10.96
C PRO B 502 -7.15 12.87 10.82
N THR B 503 -8.14 11.98 10.87
CA THR B 503 -9.51 12.43 10.66
C THR B 503 -10.01 13.07 11.94
N MET B 504 -10.27 14.37 11.88
CA MET B 504 -10.70 15.19 12.99
C MET B 504 -12.20 15.41 12.96
N ARG B 505 -12.75 15.80 14.11
CA ARG B 505 -14.11 16.29 14.16
C ARG B 505 -14.22 17.55 13.29
N PRO B 506 -15.23 17.66 12.43
CA PRO B 506 -15.37 18.88 11.62
C PRO B 506 -15.97 20.03 12.41
N ALA B 507 -16.26 21.14 11.75
CA ALA B 507 -16.89 22.28 12.41
C ALA B 507 -18.41 22.09 12.50
N LYS C . -7.00 11.73 -9.98
CA LYS C . -6.76 11.38 -11.37
C LYS C . -7.62 10.19 -11.78
O LYS C . -8.08 9.45 -10.90
CB LYS C . -5.28 11.09 -11.62
CG LYS C . -4.34 12.27 -11.40
CD LYS C . -4.52 13.35 -12.50
CE LYS C . -3.52 14.49 -12.31
NZ LYS C . -3.71 15.37 -11.09
OXT LYS C . -7.87 9.91 -12.97
C1 JT4 D . -6.54 7.02 -14.01
C2 JT4 D . -11.77 4.97 -15.95
C3 JT4 D . -11.27 3.91 -15.34
C4 JT4 D . -9.76 3.81 -15.12
O1 JT4 D . -15.43 0.73 -11.34
C29 JT4 D . -10.87 6.08 -16.44
C28 JT4 D . -9.57 6.00 -16.25
C10 JT4 D . -13.42 3.69 -12.31
C11 JT4 D . -14.33 4.62 -12.48
C12 JT4 D . -15.80 4.31 -12.28
C13 JT4 D . -16.17 3.10 -11.92
C14 JT4 D . -15.11 2.02 -11.71
C15 JT4 D . -16.75 0.45 -10.98
C16 JT4 D . -7.69 5.27 -12.61
C20 JT4 D . -14.93 6.67 -13.47
C27 JT4 D . -8.99 4.78 -15.54
C5 JT4 D . -9.81 1.73 -13.64
C6 JT4 D . -9.81 -0.33 -12.57
C7 JT4 D . -11.63 1.10 -12.33
C8 JT4 D . -6.72 5.54 -13.76
C9 JT4 D . -13.85 2.29 -11.92
N1 JT4 D . -9.13 2.69 -14.47
N2 JT4 D . -9.21 0.66 -13.39
N3 JT4 D . -10.94 -0.13 -12.08
N4 JT4 D . -11.11 1.98 -13.06
N5 JT4 D . -12.91 1.22 -11.69
O2 JT4 D . -6.55 5.31 -16.43
O3 JT4 D . -6.69 3.36 -15.21
O4 JT4 D . -13.94 5.90 -12.87
S1 JT4 D . -7.21 4.71 -15.28
C1 GOL E . 1.28 -2.10 -2.56
O1 GOL E . 2.71 -2.20 -2.54
C2 GOL E . 0.82 -1.18 -1.44
O2 GOL E . 1.22 0.16 -1.71
C3 GOL E . -0.69 -1.25 -1.28
O3 GOL E . -1.03 -2.48 -0.63
N LYS F . -4.95 -10.08 12.72
CA LYS F . -4.11 -9.88 13.91
C LYS F . -4.42 -8.55 14.59
O LYS F . -4.01 -8.33 15.72
CB LYS F . -2.62 -9.95 13.54
CG LYS F . -2.13 -11.31 13.03
CD LYS F . -2.30 -12.36 14.10
CE LYS F . -1.67 -13.70 13.71
NZ LYS F . -2.49 -14.42 12.69
OXT LYS F . -5.05 -7.66 14.00
C1 JT4 G . -1.61 -5.85 15.93
C2 JT4 G . -5.06 -2.71 19.87
C3 JT4 G . -4.63 -1.78 19.04
C4 JT4 G . -3.38 -2.04 18.20
O1 JT4 G . -9.32 2.52 16.74
C29 JT4 G . -4.32 -4.04 19.99
C28 JT4 G . -3.24 -4.27 19.28
C10 JT4 G . -7.73 -0.87 17.12
C11 JT4 G . -8.68 -1.60 17.67
C12 JT4 G . -10.05 -0.98 17.96
C13 JT4 G . -10.27 0.30 17.68
C14 JT4 G . -9.16 1.15 17.06
C15 JT4 G . -10.63 3.01 16.84
C16 JT4 G . -2.92 -3.85 15.10
C20 JT4 G . -9.19 -3.52 18.94
C27 JT4 G . -2.76 -3.20 18.31
C5 JT4 G . -3.55 0.10 16.75
C6 JT4 G . -3.51 2.17 15.66
C7 JT4 G . -5.54 1.22 16.27
C8 JT4 G . -1.63 -4.35 15.74
C9 JT4 G . -7.99 0.59 16.81
N1 JT4 G . -2.84 -1.05 17.27
N2 JT4 G . -2.88 1.00 16.24
N3 JT4 G . -4.75 2.27 15.67
N4 JT4 G . -5.00 0.19 16.76
N5 JT4 G . -6.97 1.43 16.22
O2 JT4 G . -0.31 -4.27 18.12
O3 JT4 G . -0.60 -2.30 16.95
O4 JT4 G . -8.40 -2.94 17.93
S1 JT4 G . -1.29 -3.53 17.33
#